data_6BDZ
#
_entry.id   6BDZ
#
_cell.length_a   79.230
_cell.length_b   97.580
_cell.length_c   262.720
_cell.angle_alpha   90.00
_cell.angle_beta   90.00
_cell.angle_gamma   90.00
#
_symmetry.space_group_name_H-M   'C 2 2 21'
#
loop_
_entity.id
_entity.type
_entity.pdbx_description
1 polymer '11G2 Fab Light Chain'
2 polymer '11G2 Fab Heavy Chain'
3 polymer 'Disintegrin and metalloproteinase domain-containing protein 10'
4 branched alpha-D-mannopyranose-(1-6)-alpha-D-mannopyranose-(1-4)-2-acetamido-2-deoxy-beta-D-glucopyranose-(1-4)-2-acetamido-2-deoxy-beta-D-glucopyranose
5 branched alpha-D-mannopyranose-(1-4)-2-acetamido-2-deoxy-beta-D-glucopyranose-(1-4)-2-acetamido-2-deoxy-beta-D-glucopyranose
6 non-polymer 'SULFATE ION'
7 non-polymer 'CALCIUM ION'
8 non-polymer 'ZINC ION'
9 water water
#
loop_
_entity_poly.entity_id
_entity_poly.type
_entity_poly.pdbx_seq_one_letter_code
_entity_poly.pdbx_strand_id
1 'polypeptide(L)'
;QIVLTQSPAIMSASLGERVTMTCTVSSSVSSGYLHWYQQKSGSSPKLWIYSTSNLASGVPARFSGSGSGTSYSLTISSMG
AEDAATYYCHQYRRSPLTFGAGTKLEIKRADAAPTVSIFPPSSEQLTSGGASVVCFLNNFYPKDINVKWKIDGSERQNGV
LNSWTDQDSKDSTYSMSSTLTLTKDEYERHNSYTCEATHKTSTSPIVKSFNRNEC
;
L
2 'polypeptide(L)'
;QVQLKESGPGLVAPSQSLSITCTVSGFSLTGYGVNWVRQPPGKGLEWLGVIWGDGTTDYNSTLKSRLSISKDNSKSQVFL
KMNSLQTVDTARYYCARDGDYGRLDYWGQGTTLTVSSAKTTPPSVYPLAPGSAAQTNSMVTLGCLVKGYFPEPVTVTWNS
GSLSSGVHTFPAVLQSDLYTLSSSVTVPSSTWPSETVTCNVAHPASSTKVDKKIVPRDCGCKPCIC
;
H
3 'polypeptide(L)'
;NTCQLYIQTDHLFFKYYGTREAVIAQISSHVKAIDTIYQTTDFSGIRQISFMVKRIRINTTADEKDPTNPFRFPNIGVEK
FLELNSEQNHDDYCLAYVFTDRDFDDGVLGLAWVGAPSGSSGGICEKSKLYSDGKKKSLNTGIITVQNYGSHVPPKVSHI
TFAHEVGHNFGSPHDSGTECTPGESKNLGQKENGNYIMYARATSGDKLNNNKFSLCSIRQISQVLEKKRNNCFVESGQPI
CGNGMVEQGEECDCGYSDQCKDECCFDANQPEGRKCKLKPGKQCSPSQGPCCTAQCAFKSKSEKCRDDSDCAREGICNGF
TALCPASDPKPQFTDCNRHTQVCINGQCAGSICEKYGLEECTCASSDGKDDKELCHVCCMKKMDPSTCASTGSVQWSRHF
SGRTITLQPGSPCNDFRGYCDVFMRCRLVDADGPLGGHHHHHH
;
A
#
# COMPACT_ATOMS: atom_id res chain seq x y z
N GLN A 1 10.51 -10.42 -9.18
CA GLN A 1 11.37 -10.16 -8.02
C GLN A 1 12.26 -8.95 -8.28
N ILE A 2 11.98 -7.86 -7.58
CA ILE A 2 12.79 -6.65 -7.69
C ILE A 2 14.08 -6.85 -6.92
N VAL A 3 15.22 -6.55 -7.56
CA VAL A 3 16.51 -6.59 -6.89
C VAL A 3 16.97 -5.15 -6.67
N LEU A 4 17.67 -4.94 -5.57
CA LEU A 4 18.21 -3.63 -5.21
C LEU A 4 19.71 -3.81 -4.99
N THR A 5 20.49 -3.55 -6.04
CA THR A 5 21.94 -3.69 -5.98
C THR A 5 22.55 -2.44 -5.36
N GLN A 6 23.29 -2.62 -4.27
CA GLN A 6 23.94 -1.52 -3.62
C GLN A 6 25.41 -1.54 -3.81
N SER A 7 25.95 -0.45 -4.32
CA SER A 7 27.36 -0.30 -4.53
C SER A 7 27.74 1.11 -4.17
N PRO A 8 28.96 1.33 -3.66
CA PRO A 8 29.95 0.38 -3.19
C PRO A 8 29.52 -0.29 -1.92
N ALA A 9 29.90 -1.53 -1.79
CA ALA A 9 29.52 -2.30 -0.64
C ALA A 9 30.43 -2.06 0.51
N ILE A 10 31.47 -1.26 0.33
CA ILE A 10 32.45 -1.12 1.37
C ILE A 10 33.02 0.23 1.12
N MET A 11 33.00 1.11 2.08
CA MET A 11 33.58 2.40 1.83
C MET A 11 34.40 2.89 2.98
N SER A 12 35.58 3.41 2.67
CA SER A 12 36.39 4.04 3.71
C SER A 12 36.46 5.53 3.44
N ALA A 13 36.27 6.32 4.49
CA ALA A 13 36.28 7.77 4.38
C ALA A 13 36.85 8.39 5.64
N SER A 14 37.59 9.47 5.49
CA SER A 14 38.12 10.22 6.61
C SER A 14 37.15 11.34 7.00
N LEU A 15 37.41 11.96 8.15
CA LEU A 15 36.55 13.03 8.63
C LEU A 15 36.58 14.22 7.67
N GLY A 16 35.39 14.73 7.34
CA GLY A 16 35.27 15.81 6.40
C GLY A 16 35.09 15.38 4.95
N GLU A 17 35.34 14.12 4.64
CA GLU A 17 35.20 13.65 3.27
C GLU A 17 33.72 13.55 2.89
N ARG A 18 33.48 13.28 1.61
CA ARG A 18 32.14 13.23 1.06
C ARG A 18 31.94 11.88 0.37
N VAL A 19 30.95 11.12 0.81
CA VAL A 19 30.67 9.80 0.27
C VAL A 19 29.34 9.81 -0.46
N THR A 20 29.17 8.85 -1.36
CA THR A 20 27.96 8.73 -2.16
C THR A 20 27.67 7.27 -2.40
N MET A 21 26.50 6.81 -1.97
CA MET A 21 26.05 5.45 -2.15
C MET A 21 25.08 5.36 -3.32
N THR A 22 24.85 4.15 -3.79
CA THR A 22 24.04 3.92 -4.99
C THR A 22 23.20 2.66 -4.83
N CYS A 23 21.96 2.73 -5.29
CA CYS A 23 21.09 1.57 -5.42
C CYS A 23 20.46 1.57 -6.80
N THR A 24 20.66 0.50 -7.54
CA THR A 24 20.09 0.33 -8.87
C THR A 24 19.06 -0.79 -8.84
N VAL A 25 17.80 -0.44 -9.07
CA VAL A 25 16.71 -1.40 -9.02
C VAL A 25 16.54 -2.07 -10.38
N SER A 26 16.00 -3.29 -10.38
CA SER A 26 15.85 -4.03 -11.63
C SER A 26 14.72 -3.48 -12.48
N SER A 27 13.69 -2.90 -11.86
CA SER A 27 12.57 -2.32 -12.58
C SER A 27 12.27 -0.95 -12.00
N SER A 28 11.95 -0.01 -12.87
CA SER A 28 11.75 1.37 -12.47
C SER A 28 10.59 1.49 -11.49
N VAL A 29 10.88 1.98 -10.29
CA VAL A 29 9.87 2.25 -9.28
C VAL A 29 9.72 3.76 -9.15
N SER A 30 8.58 4.17 -8.60
CA SER A 30 8.37 5.59 -8.31
C SER A 30 9.31 6.04 -7.21
N SER A 31 9.79 7.28 -7.31
CA SER A 31 10.77 7.76 -6.34
C SER A 31 10.23 7.79 -4.93
N GLY A 32 8.90 7.95 -4.78
CA GLY A 32 8.33 8.10 -3.46
C GLY A 32 8.37 6.85 -2.60
N TYR A 33 8.84 5.73 -3.14
CA TYR A 33 8.79 4.47 -2.45
C TYR A 33 10.15 3.91 -2.05
N LEU A 34 11.24 4.59 -2.37
CA LEU A 34 12.57 4.13 -1.95
C LEU A 34 13.00 4.88 -0.70
N HIS A 35 13.54 4.15 0.27
CA HIS A 35 13.93 4.72 1.55
C HIS A 35 15.30 4.21 1.95
N TRP A 36 16.03 5.02 2.72
CA TRP A 36 17.33 4.65 3.25
C TRP A 36 17.26 4.49 4.76
N TYR A 37 18.07 3.58 5.30
CA TYR A 37 18.09 3.29 6.72
C TYR A 37 19.52 3.17 7.20
N GLN A 38 19.76 3.61 8.43
CA GLN A 38 21.06 3.50 9.07
C GLN A 38 20.98 2.50 10.21
N GLN A 39 21.99 1.63 10.31
CA GLN A 39 22.04 0.60 11.34
C GLN A 39 23.44 0.53 11.92
N LYS A 40 23.55 0.75 13.22
CA LYS A 40 24.83 0.61 13.91
C LYS A 40 24.96 -0.81 14.45
N SER A 41 26.09 -1.09 15.08
CA SER A 41 26.35 -2.42 15.61
C SER A 41 25.43 -2.72 16.79
N GLY A 42 24.75 -3.86 16.73
CA GLY A 42 23.90 -4.31 17.82
C GLY A 42 22.63 -3.53 18.02
N SER A 43 22.22 -2.70 17.06
CA SER A 43 21.03 -1.89 17.19
C SER A 43 20.12 -2.12 15.98
N SER A 44 18.83 -1.87 16.20
CA SER A 44 17.87 -2.00 15.12
C SER A 44 18.03 -0.84 14.14
N PRO A 45 17.71 -1.07 12.86
CA PRO A 45 17.81 0.01 11.87
C PRO A 45 16.89 1.18 12.20
N LYS A 46 17.25 2.35 11.68
CA LYS A 46 16.48 3.57 11.88
C LYS A 46 16.21 4.20 10.52
N LEU A 47 14.97 4.63 10.30
CA LEU A 47 14.63 5.31 9.06
C LEU A 47 15.49 6.56 8.89
N TRP A 48 16.28 6.60 7.82
CA TRP A 48 17.18 7.72 7.61
C TRP A 48 16.64 8.65 6.54
N ILE A 49 16.68 8.20 5.28
CA ILE A 49 16.08 8.93 4.16
C ILE A 49 14.80 8.20 3.77
N TYR A 50 13.70 8.93 3.72
CA TYR A 50 12.43 8.41 3.25
C TYR A 50 11.97 9.21 2.03
N SER A 51 11.34 8.52 1.11
CA SER A 51 10.84 9.08 -0.12
C SER A 51 11.94 9.72 -0.91
N THR A 52 13.11 9.09 -0.84
CA THR A 52 14.37 9.46 -1.53
C THR A 52 15.07 10.71 -1.07
N SER A 53 14.40 11.83 -1.11
CA SER A 53 15.00 13.10 -0.73
C SER A 53 14.62 13.68 0.61
N ASN A 54 13.81 12.98 1.38
CA ASN A 54 13.35 13.52 2.65
C ASN A 54 14.06 12.81 3.80
N LEU A 55 14.77 13.60 4.61
CA LEU A 55 15.42 13.10 5.81
C LEU A 55 14.40 12.88 6.92
N ALA A 56 14.59 11.84 7.71
CA ALA A 56 13.66 11.55 8.80
C ALA A 56 13.84 12.57 9.93
N SER A 57 12.99 12.46 10.94
CA SER A 57 13.03 13.39 12.06
C SER A 57 14.26 13.12 12.91
N GLY A 58 15.24 14.01 12.86
CA GLY A 58 16.42 13.94 13.70
C GLY A 58 17.72 13.73 12.98
N VAL A 59 17.69 13.14 11.79
CA VAL A 59 18.95 12.86 11.07
C VAL A 59 19.55 14.18 10.61
N PRO A 60 20.87 14.34 10.66
CA PRO A 60 21.47 15.67 10.45
C PRO A 60 21.37 16.13 9.00
N ALA A 61 21.58 17.43 8.82
CA ALA A 61 21.42 18.06 7.51
C ALA A 61 22.54 17.68 6.54
N ARG A 62 23.64 17.11 7.03
CA ARG A 62 24.73 16.70 6.14
C ARG A 62 24.35 15.54 5.24
N PHE A 63 23.20 14.91 5.48
CA PHE A 63 22.72 13.83 4.65
C PHE A 63 21.81 14.37 3.54
N SER A 64 21.71 13.59 2.47
CA SER A 64 20.87 13.96 1.33
C SER A 64 20.66 12.73 0.47
N GLY A 65 19.52 12.69 -0.22
CA GLY A 65 19.24 11.59 -1.12
C GLY A 65 18.72 12.05 -2.48
N SER A 66 19.23 11.45 -3.56
CA SER A 66 18.78 11.77 -4.90
C SER A 66 18.60 10.48 -5.68
N GLY A 67 17.91 10.60 -6.81
CA GLY A 67 17.65 9.46 -7.67
C GLY A 67 16.24 9.49 -8.22
N SER A 68 16.04 8.73 -9.29
CA SER A 68 14.75 8.64 -9.96
C SER A 68 14.80 7.49 -10.96
N GLY A 69 13.71 6.73 -11.02
CA GLY A 69 13.63 5.63 -11.96
C GLY A 69 14.35 4.38 -11.50
N THR A 70 15.63 4.25 -11.88
CA THR A 70 16.43 3.08 -11.55
C THR A 70 17.58 3.36 -10.62
N SER A 71 18.25 4.50 -10.76
CA SER A 71 19.38 4.85 -9.92
C SER A 71 18.94 5.74 -8.76
N TYR A 72 19.54 5.52 -7.59
CA TYR A 72 19.27 6.30 -6.41
C TYR A 72 20.57 6.49 -5.62
N SER A 73 20.67 7.60 -4.92
CA SER A 73 21.91 7.98 -4.27
C SER A 73 21.68 8.45 -2.83
N LEU A 74 22.70 8.28 -2.01
CA LEU A 74 22.74 8.80 -0.65
C LEU A 74 24.10 9.43 -0.42
N THR A 75 24.12 10.72 -0.09
CA THR A 75 25.35 11.50 -0.05
C THR A 75 25.50 12.18 1.29
N ILE A 76 26.69 12.03 1.89
CA ILE A 76 27.06 12.73 3.11
C ILE A 76 28.00 13.86 2.74
N SER A 77 27.61 15.10 3.05
CA SER A 77 28.42 16.25 2.67
C SER A 77 29.76 16.24 3.39
N SER A 78 29.74 16.12 4.71
CA SER A 78 30.95 16.11 5.53
C SER A 78 30.91 14.87 6.42
N MET A 79 31.81 13.92 6.17
CA MET A 79 31.86 12.70 6.95
C MET A 79 32.12 13.01 8.42
N GLY A 80 31.20 12.58 9.28
CA GLY A 80 31.34 12.79 10.70
C GLY A 80 31.77 11.52 11.43
N ALA A 81 32.09 11.69 12.71
CA ALA A 81 32.51 10.56 13.53
C ALA A 81 31.36 9.62 13.84
N GLU A 82 30.12 10.11 13.78
CA GLU A 82 28.94 9.34 14.16
C GLU A 82 28.24 8.70 12.96
N ASP A 83 28.76 8.89 11.74
CA ASP A 83 28.11 8.39 10.54
C ASP A 83 28.69 7.06 10.07
N ALA A 84 29.54 6.42 10.86
CA ALA A 84 30.16 5.16 10.47
C ALA A 84 29.20 4.02 10.83
N ALA A 85 28.48 3.51 9.84
CA ALA A 85 27.51 2.45 10.06
C ALA A 85 27.29 1.72 8.74
N THR A 86 26.22 0.94 8.67
CA THR A 86 25.81 0.24 7.46
C THR A 86 24.47 0.79 6.99
N TYR A 87 24.39 1.10 5.70
CA TYR A 87 23.21 1.74 5.12
C TYR A 87 22.52 0.81 4.15
N TYR A 88 21.19 0.84 4.16
CA TYR A 88 20.37 0.03 3.26
C TYR A 88 19.38 0.91 2.52
N CYS A 89 19.03 0.49 1.31
CA CYS A 89 17.93 1.08 0.55
C CYS A 89 16.79 0.07 0.51
N HIS A 90 15.56 0.60 0.54
CA HIS A 90 14.38 -0.22 0.76
C HIS A 90 13.29 0.14 -0.23
N GLN A 91 12.56 -0.87 -0.69
CA GLN A 91 11.47 -0.70 -1.65
C GLN A 91 10.37 -1.69 -1.34
N TYR A 92 9.13 -1.20 -1.31
CA TYR A 92 7.97 -2.10 -1.27
C TYR A 92 6.85 -1.58 -2.16
N ARG A 93 7.19 -0.92 -3.26
CA ARG A 93 6.19 -0.57 -4.26
C ARG A 93 5.69 -1.80 -4.99
N ARG A 94 6.55 -2.81 -5.16
CA ARG A 94 6.20 -4.07 -5.79
C ARG A 94 6.72 -5.21 -4.93
N SER A 95 5.95 -6.29 -4.88
CA SER A 95 6.35 -7.46 -4.11
C SER A 95 7.46 -8.21 -4.85
N PRO A 96 8.35 -8.90 -4.12
CA PRO A 96 8.40 -8.94 -2.65
C PRO A 96 9.17 -7.77 -2.07
N LEU A 97 8.96 -7.47 -0.79
CA LEU A 97 9.73 -6.45 -0.10
C LEU A 97 11.19 -6.86 -0.07
N THR A 98 12.07 -6.01 -0.61
CA THR A 98 13.48 -6.32 -0.73
C THR A 98 14.31 -5.17 -0.19
N PHE A 99 15.36 -5.52 0.54
CA PHE A 99 16.38 -4.56 0.96
C PHE A 99 17.57 -4.62 0.01
N GLY A 100 18.37 -3.56 0.05
CA GLY A 100 19.61 -3.57 -0.69
C GLY A 100 20.61 -4.52 -0.07
N ALA A 101 21.71 -4.73 -0.79
CA ALA A 101 22.77 -5.60 -0.28
C ALA A 101 23.40 -5.01 0.98
N GLY A 102 23.39 -3.69 1.12
CA GLY A 102 23.96 -3.04 2.28
C GLY A 102 25.35 -2.49 2.01
N THR A 103 25.56 -1.23 2.35
CA THR A 103 26.85 -0.56 2.19
C THR A 103 27.48 -0.37 3.55
N LYS A 104 28.67 -0.93 3.75
CA LYS A 104 29.41 -0.81 5.00
C LYS A 104 30.30 0.44 4.92
N LEU A 105 29.94 1.47 5.67
CA LEU A 105 30.70 2.72 5.69
C LEU A 105 31.63 2.69 6.89
N GLU A 106 32.91 2.46 6.64
CA GLU A 106 33.94 2.48 7.66
C GLU A 106 34.69 3.80 7.61
N ILE A 107 35.03 4.35 8.78
CA ILE A 107 35.79 5.58 8.84
C ILE A 107 37.28 5.26 8.67
N LYS A 108 38.00 6.13 7.97
CA LYS A 108 39.37 5.86 7.57
C LYS A 108 40.36 6.58 8.47
N ARG A 109 41.41 5.88 8.86
CA ARG A 109 42.47 6.40 9.69
C ARG A 109 43.82 6.11 9.02
N ALA A 110 44.89 6.50 9.69
CA ALA A 110 46.23 6.19 9.21
C ALA A 110 46.48 4.68 9.33
N ASP A 111 47.31 4.17 8.42
CA ASP A 111 47.63 2.75 8.42
C ASP A 111 48.30 2.36 9.74
N ALA A 112 48.01 1.14 10.18
CA ALA A 112 48.52 0.64 11.46
C ALA A 112 48.99 -0.80 11.30
N ALA A 113 50.07 -1.13 12.01
CA ALA A 113 50.61 -2.48 11.98
C ALA A 113 50.05 -3.32 13.13
N PRO A 114 49.68 -4.57 12.85
CA PRO A 114 49.11 -5.41 13.91
C PRO A 114 50.17 -5.87 14.91
N THR A 115 49.90 -5.65 16.18
CA THR A 115 50.76 -6.13 17.26
C THR A 115 50.40 -7.59 17.53
N VAL A 116 51.16 -8.50 16.96
CA VAL A 116 50.82 -9.92 17.01
C VAL A 116 51.34 -10.53 18.30
N SER A 117 50.53 -11.40 18.90
CA SER A 117 50.88 -12.10 20.13
C SER A 117 50.40 -13.53 20.02
N ILE A 118 51.33 -14.49 20.16
CA ILE A 118 51.02 -15.91 20.06
C ILE A 118 51.12 -16.52 21.45
N PHE A 119 50.26 -17.52 21.71
CA PHE A 119 50.20 -18.16 23.01
C PHE A 119 50.11 -19.67 22.87
N PRO A 120 50.96 -20.42 23.54
CA PRO A 120 50.85 -21.88 23.54
C PRO A 120 49.64 -22.33 24.34
N PRO A 121 49.12 -23.53 24.08
CA PRO A 121 48.02 -24.05 24.90
C PRO A 121 48.44 -24.17 26.36
N SER A 122 47.58 -23.66 27.25
CA SER A 122 47.91 -23.60 28.66
C SER A 122 48.04 -25.00 29.26
N SER A 123 48.68 -25.07 30.43
CA SER A 123 48.88 -26.35 31.10
C SER A 123 47.56 -26.97 31.53
N GLU A 124 46.53 -26.14 31.73
CA GLU A 124 45.25 -26.67 32.18
C GLU A 124 44.50 -27.35 31.05
N GLN A 125 44.58 -26.81 29.84
CA GLN A 125 43.85 -27.37 28.71
C GLN A 125 44.43 -28.73 28.31
N LEU A 126 45.76 -28.87 28.38
CA LEU A 126 46.38 -30.15 28.03
C LEU A 126 45.88 -31.28 28.93
N THR A 127 45.53 -30.96 30.17
CA THR A 127 44.97 -31.98 31.05
C THR A 127 43.64 -32.49 30.53
N SER A 128 42.85 -31.61 29.92
CA SER A 128 41.54 -32.00 29.41
C SER A 128 41.65 -32.88 28.17
N GLY A 129 42.59 -32.57 27.28
CA GLY A 129 42.77 -33.35 26.08
C GLY A 129 42.79 -32.53 24.81
N GLY A 130 42.54 -31.22 24.94
CA GLY A 130 42.57 -30.32 23.82
C GLY A 130 43.85 -29.50 23.77
N ALA A 131 44.05 -28.86 22.61
CA ALA A 131 45.25 -28.05 22.40
C ALA A 131 44.87 -26.91 21.45
N SER A 132 44.69 -25.71 22.00
CA SER A 132 44.32 -24.53 21.23
C SER A 132 45.46 -23.51 21.30
N VAL A 133 45.93 -23.08 20.13
CA VAL A 133 47.00 -22.11 20.02
C VAL A 133 46.37 -20.80 19.56
N VAL A 134 46.23 -19.86 20.48
CA VAL A 134 45.57 -18.58 20.19
C VAL A 134 46.62 -17.57 19.79
N CYS A 135 46.34 -16.83 18.70
CA CYS A 135 47.26 -15.83 18.16
C CYS A 135 46.48 -14.54 17.99
N PHE A 136 46.82 -13.53 18.78
CA PHE A 136 46.11 -12.25 18.76
C PHE A 136 46.76 -11.29 17.77
N LEU A 137 45.92 -10.49 17.10
CA LEU A 137 46.36 -9.46 16.14
C LEU A 137 45.53 -8.20 16.43
N ASN A 138 46.00 -7.42 17.39
CA ASN A 138 45.22 -6.31 17.92
C ASN A 138 45.70 -4.98 17.35
N ASN A 139 44.74 -4.05 17.19
CA ASN A 139 45.01 -2.67 16.81
C ASN A 139 45.78 -2.56 15.50
N PHE A 140 45.09 -2.69 14.37
CA PHE A 140 45.71 -2.55 13.06
C PHE A 140 44.70 -1.90 12.11
N TYR A 141 45.18 -1.58 10.91
CA TYR A 141 44.34 -0.92 9.92
C TYR A 141 45.02 -1.02 8.58
N PRO A 142 44.30 -1.32 7.48
CA PRO A 142 42.86 -1.53 7.46
C PRO A 142 42.46 -2.95 7.84
N LYS A 143 41.17 -3.27 7.72
CA LYS A 143 40.67 -4.59 8.08
C LYS A 143 41.24 -5.69 7.19
N ASP A 144 41.64 -5.36 5.97
CA ASP A 144 42.22 -6.36 5.06
C ASP A 144 43.49 -6.95 5.65
N ILE A 145 43.45 -8.24 5.98
CA ILE A 145 44.58 -8.93 6.58
C ILE A 145 44.37 -10.43 6.40
N ASN A 146 45.46 -11.16 6.20
CA ASN A 146 45.44 -12.59 6.02
C ASN A 146 46.32 -13.26 7.06
N VAL A 147 45.77 -14.25 7.75
CA VAL A 147 46.48 -14.98 8.81
C VAL A 147 46.56 -16.44 8.41
N LYS A 148 47.77 -16.98 8.38
CA LYS A 148 48.00 -18.37 8.03
C LYS A 148 48.72 -19.07 9.19
N TRP A 149 48.48 -20.38 9.30
CA TRP A 149 49.06 -21.18 10.36
C TRP A 149 49.98 -22.23 9.76
N LYS A 150 51.20 -22.32 10.30
CA LYS A 150 52.21 -23.27 9.86
C LYS A 150 52.60 -24.15 11.04
N ILE A 151 52.59 -25.47 10.84
CA ILE A 151 53.02 -26.44 11.84
C ILE A 151 54.33 -27.04 11.34
N ASP A 152 55.43 -26.67 12.01
CA ASP A 152 56.78 -27.08 11.60
C ASP A 152 57.07 -26.63 10.18
N GLY A 153 56.76 -25.36 9.89
CA GLY A 153 56.97 -24.80 8.57
C GLY A 153 55.95 -25.19 7.52
N SER A 154 55.11 -26.20 7.80
CA SER A 154 54.10 -26.65 6.85
C SER A 154 52.76 -26.01 7.17
N GLU A 155 52.18 -25.35 6.17
CA GLU A 155 50.90 -24.67 6.35
C GLU A 155 49.80 -25.66 6.73
N ARG A 156 48.99 -25.28 7.71
CA ARG A 156 47.92 -26.11 8.21
C ARG A 156 46.57 -25.51 7.81
N GLN A 157 45.69 -26.36 7.27
CA GLN A 157 44.39 -25.93 6.77
C GLN A 157 43.26 -26.11 7.78
N ASN A 158 43.35 -27.11 8.65
CA ASN A 158 42.24 -27.46 9.54
C ASN A 158 42.35 -26.76 10.88
N GLY A 159 41.21 -26.57 11.53
CA GLY A 159 41.15 -26.12 12.91
C GLY A 159 41.34 -24.64 13.14
N VAL A 160 41.60 -23.85 12.10
CA VAL A 160 41.82 -22.43 12.26
C VAL A 160 40.48 -21.72 12.42
N LEU A 161 40.30 -21.05 13.56
CA LEU A 161 39.09 -20.28 13.85
C LEU A 161 39.47 -18.82 14.04
N ASN A 162 38.64 -17.93 13.48
CA ASN A 162 38.96 -16.51 13.47
C ASN A 162 37.75 -15.69 13.89
N SER A 163 38.02 -14.51 14.43
CA SER A 163 36.97 -13.58 14.86
C SER A 163 37.53 -12.16 14.80
N TRP A 164 36.77 -11.25 14.20
CA TRP A 164 37.14 -9.86 14.09
C TRP A 164 36.26 -9.00 14.98
N THR A 165 36.86 -7.99 15.61
CA THR A 165 36.11 -6.99 16.35
C THR A 165 35.66 -5.89 15.39
N ASP A 166 34.70 -5.09 15.86
CA ASP A 166 34.28 -3.92 15.09
C ASP A 166 35.32 -2.82 15.21
N GLN A 167 35.15 -1.78 14.40
CA GLN A 167 36.07 -0.66 14.43
C GLN A 167 36.03 0.02 15.78
N ASP A 168 37.17 0.06 16.47
CA ASP A 168 37.24 0.61 17.81
C ASP A 168 36.78 2.05 17.82
N SER A 169 36.07 2.43 18.89
CA SER A 169 35.54 3.78 18.98
C SER A 169 36.63 4.82 19.17
N LYS A 170 37.70 4.46 19.88
CA LYS A 170 38.75 5.43 20.21
C LYS A 170 39.73 5.62 19.06
N ASP A 171 40.39 4.54 18.66
CA ASP A 171 41.49 4.60 17.70
C ASP A 171 41.08 4.24 16.28
N SER A 172 39.83 3.82 16.07
CA SER A 172 39.31 3.44 14.76
C SER A 172 40.07 2.27 14.13
N THR A 173 40.76 1.48 14.96
CA THR A 173 41.50 0.33 14.46
C THR A 173 40.64 -0.93 14.59
N TYR A 174 41.17 -2.05 14.08
CA TYR A 174 40.52 -3.34 14.15
C TYR A 174 41.40 -4.32 14.91
N SER A 175 40.80 -5.43 15.32
CA SER A 175 41.52 -6.49 16.03
C SER A 175 40.96 -7.84 15.60
N MET A 176 41.82 -8.85 15.66
CA MET A 176 41.46 -10.18 15.18
C MET A 176 42.06 -11.24 16.09
N SER A 177 41.31 -12.31 16.32
CA SER A 177 41.75 -13.46 17.09
C SER A 177 41.82 -14.67 16.18
N SER A 178 42.91 -15.43 16.29
CA SER A 178 43.12 -16.63 15.49
C SER A 178 43.44 -17.79 16.44
N THR A 179 42.62 -18.84 16.38
CA THR A 179 42.73 -19.98 17.29
C THR A 179 42.92 -21.26 16.47
N LEU A 180 44.13 -21.81 16.52
CA LEU A 180 44.42 -23.11 15.92
C LEU A 180 44.16 -24.19 16.95
N THR A 181 43.25 -25.11 16.63
CA THR A 181 42.84 -26.16 17.55
C THR A 181 43.11 -27.53 16.93
N LEU A 182 43.66 -28.43 17.74
CA LEU A 182 43.91 -29.81 17.30
C LEU A 182 44.04 -30.68 18.55
N THR A 183 44.17 -31.98 18.33
CA THR A 183 44.14 -32.93 19.42
C THR A 183 45.42 -32.85 20.26
N LYS A 184 45.37 -33.47 21.44
CA LYS A 184 46.54 -33.48 22.32
C LYS A 184 47.66 -34.34 21.75
N ASP A 185 47.31 -35.48 21.15
CA ASP A 185 48.34 -36.34 20.58
C ASP A 185 48.97 -35.69 19.35
N GLU A 186 48.17 -34.96 18.57
CA GLU A 186 48.72 -34.27 17.41
C GLU A 186 49.57 -33.08 17.83
N TYR A 187 49.30 -32.51 19.00
CA TYR A 187 50.08 -31.38 19.48
C TYR A 187 51.48 -31.83 19.92
N GLU A 188 51.55 -32.91 20.68
CA GLU A 188 52.81 -33.41 21.21
C GLU A 188 53.66 -34.12 20.16
N ARG A 189 53.16 -34.27 18.94
CA ARG A 189 53.95 -34.83 17.85
C ARG A 189 54.58 -33.76 16.96
N HIS A 190 54.38 -32.49 17.28
CA HIS A 190 54.97 -31.40 16.53
C HIS A 190 55.61 -30.41 17.49
N ASN A 191 56.51 -29.58 16.94
CA ASN A 191 57.37 -28.73 17.76
C ASN A 191 57.14 -27.25 17.48
N SER A 192 57.54 -26.75 16.31
CA SER A 192 57.47 -25.32 16.03
C SER A 192 56.11 -24.98 15.43
N TYR A 193 55.36 -24.11 16.11
CA TYR A 193 54.07 -23.63 15.64
C TYR A 193 54.21 -22.17 15.27
N THR A 194 53.89 -21.84 14.02
CA THR A 194 54.13 -20.51 13.47
C THR A 194 52.82 -19.81 13.15
N CYS A 195 52.65 -18.60 13.69
CA CYS A 195 51.54 -17.73 13.36
C CYS A 195 52.08 -16.60 12.48
N GLU A 196 51.69 -16.59 11.21
CA GLU A 196 52.20 -15.64 10.24
C GLU A 196 51.07 -14.72 9.79
N ALA A 197 51.34 -13.42 9.75
CA ALA A 197 50.35 -12.41 9.42
C ALA A 197 50.82 -11.61 8.21
N THR A 198 49.95 -11.49 7.21
CA THR A 198 50.22 -10.71 6.01
C THR A 198 49.33 -9.47 6.03
N HIS A 199 49.96 -8.30 6.05
CA HIS A 199 49.23 -7.04 6.14
C HIS A 199 49.74 -6.06 5.09
N LYS A 200 48.91 -5.04 4.81
CA LYS A 200 49.25 -4.04 3.81
C LYS A 200 50.48 -3.24 4.21
N THR A 201 50.70 -3.05 5.51
CA THR A 201 51.78 -2.20 6.01
C THR A 201 53.08 -2.95 6.25
N SER A 202 53.20 -4.19 5.77
CA SER A 202 54.39 -5.00 5.99
C SER A 202 54.89 -5.52 4.66
N THR A 203 56.14 -5.22 4.34
CA THR A 203 56.76 -5.80 3.14
C THR A 203 56.89 -7.31 3.28
N SER A 204 57.37 -7.75 4.44
CA SER A 204 57.47 -9.17 4.78
C SER A 204 56.44 -9.52 5.85
N PRO A 205 55.86 -10.71 5.79
CA PRO A 205 54.81 -11.06 6.76
C PRO A 205 55.38 -11.19 8.17
N ILE A 206 54.62 -10.66 9.14
CA ILE A 206 55.04 -10.73 10.53
C ILE A 206 54.93 -12.17 11.01
N VAL A 207 56.02 -12.70 11.55
CA VAL A 207 56.11 -14.10 11.96
C VAL A 207 56.24 -14.15 13.47
N LYS A 208 55.24 -14.77 14.12
CA LYS A 208 55.27 -15.07 15.54
C LYS A 208 55.24 -16.57 15.71
N SER A 209 56.27 -17.13 16.35
CA SER A 209 56.39 -18.57 16.49
C SER A 209 56.84 -18.92 17.90
N PHE A 210 56.65 -20.18 18.25
CA PHE A 210 57.14 -20.73 19.51
C PHE A 210 57.44 -22.20 19.31
N ASN A 211 58.11 -22.80 20.29
CA ASN A 211 58.50 -24.20 20.23
C ASN A 211 57.96 -24.94 21.44
N ARG A 212 57.45 -26.14 21.21
CA ARG A 212 56.91 -26.99 22.27
C ARG A 212 58.00 -27.56 23.16
N ASN A 213 59.27 -27.47 22.76
CA ASN A 213 60.38 -28.09 23.47
C ASN A 213 61.27 -27.07 24.17
N GLU A 214 60.74 -25.89 24.50
CA GLU A 214 61.52 -24.82 25.14
C GLU A 214 60.84 -24.40 26.44
N CYS A 215 60.91 -25.26 27.45
CA CYS A 215 60.39 -24.96 28.77
C CYS A 215 60.78 -26.05 29.77
N GLN B 1 4.04 7.78 22.13
CA GLN B 1 4.31 7.75 20.70
C GLN B 1 4.21 6.32 20.17
N VAL B 2 4.68 6.11 18.94
CA VAL B 2 4.63 4.79 18.32
C VAL B 2 5.69 3.89 18.95
N GLN B 3 5.27 2.68 19.33
CA GLN B 3 6.17 1.71 19.94
C GLN B 3 5.91 0.33 19.34
N LEU B 4 6.96 -0.47 19.29
CA LEU B 4 6.87 -1.86 18.87
C LEU B 4 7.82 -2.70 19.73
N LYS B 5 7.34 -3.86 20.16
CA LYS B 5 8.13 -4.72 21.05
C LYS B 5 7.76 -6.17 20.75
N GLU B 6 8.73 -6.94 20.26
CA GLU B 6 8.51 -8.34 19.91
C GLU B 6 8.87 -9.23 21.09
N SER B 7 8.07 -10.29 21.26
CA SER B 7 8.22 -11.22 22.37
C SER B 7 8.49 -12.61 21.81
N GLY B 8 9.75 -13.03 21.82
CA GLY B 8 10.14 -14.30 21.26
C GLY B 8 10.65 -15.28 22.31
N PRO B 9 10.67 -16.57 21.96
CA PRO B 9 11.16 -17.58 22.92
C PRO B 9 12.66 -17.52 23.15
N GLY B 10 13.43 -16.96 22.22
CA GLY B 10 14.87 -16.85 22.41
C GLY B 10 15.62 -18.08 21.94
N LEU B 11 15.43 -19.21 22.63
CA LEU B 11 16.12 -20.45 22.30
C LEU B 11 15.09 -21.53 22.01
N VAL B 12 15.10 -22.05 20.78
CA VAL B 12 14.26 -23.18 20.40
C VAL B 12 15.15 -24.26 19.80
N ALA B 13 14.65 -25.48 19.84
CA ALA B 13 15.34 -26.58 19.19
C ALA B 13 14.94 -26.64 17.72
N PRO B 14 15.79 -27.20 16.86
CA PRO B 14 15.42 -27.38 15.46
C PRO B 14 14.20 -28.28 15.34
N SER B 15 13.49 -28.13 14.22
CA SER B 15 12.27 -28.89 13.94
C SER B 15 11.19 -28.60 14.98
N GLN B 16 11.13 -27.38 15.48
CA GLN B 16 10.11 -26.97 16.42
C GLN B 16 9.40 -25.73 15.91
N SER B 17 8.18 -25.53 16.39
CA SER B 17 7.37 -24.40 15.96
C SER B 17 7.83 -23.11 16.64
N LEU B 18 7.44 -21.99 16.06
CA LEU B 18 7.80 -20.67 16.56
C LEU B 18 6.55 -19.81 16.68
N SER B 19 6.57 -18.89 17.64
CA SER B 19 5.45 -17.98 17.85
C SER B 19 5.98 -16.72 18.51
N ILE B 20 6.02 -15.62 17.76
CA ILE B 20 6.52 -14.34 18.24
C ILE B 20 5.38 -13.34 18.25
N THR B 21 5.28 -12.57 19.32
CA THR B 21 4.22 -11.58 19.51
C THR B 21 4.82 -10.18 19.41
N CYS B 22 4.27 -9.37 18.51
CA CYS B 22 4.75 -8.01 18.26
C CYS B 22 3.72 -7.04 18.84
N THR B 23 3.89 -6.67 20.11
CA THR B 23 3.01 -5.71 20.76
C THR B 23 3.35 -4.30 20.30
N VAL B 24 2.35 -3.57 19.81
CA VAL B 24 2.55 -2.25 19.24
C VAL B 24 1.75 -1.24 20.06
N SER B 25 2.05 0.03 19.83
CA SER B 25 1.43 1.14 20.55
C SER B 25 1.55 2.40 19.71
N GLY B 26 0.71 3.38 20.05
CA GLY B 26 0.76 4.68 19.40
C GLY B 26 -0.07 4.81 18.14
N PHE B 27 -0.37 3.70 17.46
CA PHE B 27 -1.15 3.74 16.23
C PHE B 27 -2.10 2.55 16.21
N SER B 28 -3.04 2.58 15.26
CA SER B 28 -4.01 1.52 15.08
C SER B 28 -3.55 0.60 13.96
N LEU B 29 -3.58 -0.72 14.22
CA LEU B 29 -3.17 -1.69 13.23
C LEU B 29 -4.10 -1.74 12.02
N THR B 30 -5.29 -1.11 12.11
CA THR B 30 -6.22 -1.11 10.99
C THR B 30 -5.80 -0.14 9.89
N GLY B 31 -5.04 0.90 10.23
CA GLY B 31 -4.58 1.87 9.27
C GLY B 31 -3.10 1.81 8.94
N TYR B 32 -2.39 0.79 9.40
CA TYR B 32 -0.97 0.62 9.12
C TYR B 32 -0.64 -0.86 9.00
N GLY B 33 0.27 -1.18 8.09
CA GLY B 33 0.76 -2.53 7.98
C GLY B 33 1.98 -2.78 8.87
N VAL B 34 2.24 -4.06 9.14
CA VAL B 34 3.36 -4.46 9.99
C VAL B 34 4.16 -5.52 9.24
N ASN B 35 5.44 -5.24 9.03
CA ASN B 35 6.35 -6.16 8.35
C ASN B 35 7.18 -6.93 9.37
N TRP B 36 7.60 -8.13 8.97
CA TRP B 36 8.51 -8.94 9.76
C TRP B 36 9.82 -9.07 9.01
N VAL B 37 10.91 -8.63 9.63
CA VAL B 37 12.23 -8.63 9.02
C VAL B 37 13.20 -9.29 9.99
N ARG B 38 13.82 -10.39 9.58
CA ARG B 38 14.84 -11.04 10.37
C ARG B 38 16.22 -10.70 9.80
N GLN B 39 17.23 -10.79 10.68
CA GLN B 39 18.58 -10.47 10.29
C GLN B 39 19.55 -11.50 10.84
N PRO B 40 20.14 -12.35 9.99
CA PRO B 40 21.09 -13.35 10.48
C PRO B 40 22.28 -12.69 11.15
N PRO B 41 22.98 -13.41 12.03
CA PRO B 41 24.17 -12.84 12.68
C PRO B 41 25.25 -12.54 11.64
N GLY B 42 25.59 -11.26 11.52
CA GLY B 42 26.59 -10.84 10.56
C GLY B 42 26.11 -10.83 9.12
N LYS B 43 24.84 -10.50 8.89
CA LYS B 43 24.28 -10.43 7.55
C LYS B 43 23.32 -9.26 7.48
N GLY B 44 22.67 -9.12 6.32
CA GLY B 44 21.80 -7.99 6.07
C GLY B 44 20.35 -8.26 6.45
N LEU B 45 19.52 -7.25 6.17
CA LEU B 45 18.10 -7.35 6.50
C LEU B 45 17.41 -8.32 5.54
N GLU B 46 16.64 -9.24 6.11
CA GLU B 46 15.98 -10.29 5.35
C GLU B 46 14.48 -10.22 5.63
N TRP B 47 13.68 -10.04 4.58
CA TRP B 47 12.25 -9.88 4.74
C TRP B 47 11.56 -11.23 4.94
N LEU B 48 10.56 -11.24 5.82
CA LEU B 48 9.77 -12.44 6.09
C LEU B 48 8.37 -12.29 5.51
N GLY B 49 7.58 -11.37 6.02
CA GLY B 49 6.24 -11.17 5.53
C GLY B 49 5.68 -9.84 5.99
N VAL B 50 4.37 -9.68 5.82
CA VAL B 50 3.68 -8.46 6.20
C VAL B 50 2.19 -8.76 6.27
N ILE B 51 1.52 -8.15 7.25
CA ILE B 51 0.07 -8.20 7.36
C ILE B 51 -0.45 -6.77 7.28
N TRP B 52 -1.42 -6.55 6.40
CA TRP B 52 -1.90 -5.21 6.14
C TRP B 52 -2.98 -4.80 7.15
N GLY B 53 -3.39 -3.54 7.06
CA GLY B 53 -4.39 -3.03 7.99
C GLY B 53 -5.73 -3.71 7.86
N ASP B 54 -6.06 -4.20 6.66
CA ASP B 54 -7.32 -4.87 6.41
C ASP B 54 -7.26 -6.37 6.67
N GLY B 55 -6.09 -6.90 7.02
CA GLY B 55 -5.92 -8.32 7.30
C GLY B 55 -5.31 -9.12 6.17
N THR B 56 -4.90 -8.49 5.07
CA THR B 56 -4.28 -9.20 3.97
C THR B 56 -2.79 -9.44 4.26
N THR B 57 -2.27 -10.54 3.75
CA THR B 57 -0.90 -10.94 4.01
C THR B 57 -0.12 -11.06 2.71
N ASP B 58 1.19 -10.83 2.81
CA ASP B 58 2.14 -11.05 1.72
C ASP B 58 3.42 -11.60 2.35
N TYR B 59 3.88 -12.74 1.85
CA TYR B 59 4.97 -13.47 2.47
C TYR B 59 6.20 -13.51 1.56
N ASN B 60 7.30 -14.00 2.12
CA ASN B 60 8.52 -14.24 1.36
C ASN B 60 8.35 -15.51 0.55
N SER B 61 8.77 -15.47 -0.73
CA SER B 61 8.41 -16.51 -1.68
C SER B 61 8.86 -17.89 -1.21
N THR B 62 10.07 -17.99 -0.67
CA THR B 62 10.64 -19.27 -0.28
C THR B 62 10.23 -19.72 1.11
N LEU B 63 9.48 -18.90 1.85
CA LEU B 63 9.10 -19.24 3.22
C LEU B 63 7.60 -19.37 3.43
N LYS B 64 6.79 -19.21 2.37
CA LYS B 64 5.34 -19.29 2.53
C LYS B 64 4.90 -20.66 3.02
N SER B 65 5.71 -21.70 2.77
CA SER B 65 5.36 -23.04 3.22
C SER B 65 5.32 -23.12 4.73
N ARG B 66 6.26 -22.47 5.41
CA ARG B 66 6.37 -22.51 6.86
C ARG B 66 5.85 -21.25 7.54
N LEU B 67 6.02 -20.08 6.93
CA LEU B 67 5.65 -18.83 7.57
C LEU B 67 4.14 -18.67 7.64
N SER B 68 3.69 -17.94 8.65
CA SER B 68 2.28 -17.61 8.84
C SER B 68 2.19 -16.38 9.72
N ILE B 69 1.42 -15.39 9.29
CA ILE B 69 1.32 -14.11 10.01
C ILE B 69 -0.15 -13.80 10.24
N SER B 70 -0.54 -13.71 11.50
CA SER B 70 -1.86 -13.25 11.91
C SER B 70 -1.69 -12.11 12.90
N LYS B 71 -2.81 -11.50 13.29
CA LYS B 71 -2.75 -10.38 14.22
C LYS B 71 -4.05 -10.29 14.99
N ASP B 72 -4.05 -9.38 15.97
CA ASP B 72 -5.22 -9.11 16.82
C ASP B 72 -5.37 -7.59 16.88
N ASN B 73 -6.37 -7.05 16.17
CA ASN B 73 -6.55 -5.60 16.10
C ASN B 73 -6.92 -4.99 17.45
N SER B 74 -7.71 -5.70 18.26
CA SER B 74 -8.17 -5.11 19.52
C SER B 74 -7.04 -5.01 20.54
N LYS B 75 -6.13 -5.99 20.55
CA LYS B 75 -5.05 -6.02 21.52
C LYS B 75 -3.73 -5.50 20.96
N SER B 76 -3.72 -5.01 19.72
CA SER B 76 -2.53 -4.41 19.11
C SER B 76 -1.36 -5.38 19.10
N GLN B 77 -1.62 -6.60 18.64
CA GLN B 77 -0.63 -7.68 18.63
C GLN B 77 -0.56 -8.32 17.26
N VAL B 78 0.65 -8.40 16.71
CA VAL B 78 0.92 -9.10 15.46
C VAL B 78 1.70 -10.37 15.79
N PHE B 79 1.32 -11.47 15.17
CA PHE B 79 1.88 -12.78 15.49
C PHE B 79 2.64 -13.35 14.31
N LEU B 80 3.78 -13.96 14.59
CA LEU B 80 4.63 -14.60 13.58
C LEU B 80 4.84 -16.05 13.98
N LYS B 81 4.39 -16.97 13.13
CA LYS B 81 4.47 -18.40 13.38
C LYS B 81 5.23 -19.09 12.26
N MET B 82 6.14 -19.99 12.63
CA MET B 82 6.95 -20.73 11.69
C MET B 82 6.89 -22.21 12.01
N ASN B 83 7.18 -23.04 11.00
CA ASN B 83 7.14 -24.49 11.13
C ASN B 83 8.46 -25.08 10.64
N SER B 84 8.87 -26.16 11.30
CA SER B 84 10.10 -26.90 10.96
C SER B 84 11.30 -25.96 10.89
N LEU B 85 11.63 -25.38 12.04
CA LEU B 85 12.73 -24.43 12.11
C LEU B 85 14.06 -25.17 11.91
N GLN B 86 14.84 -24.72 10.94
CA GLN B 86 16.17 -25.27 10.69
C GLN B 86 17.21 -24.50 11.50
N THR B 87 18.41 -25.07 11.56
CA THR B 87 19.49 -24.43 12.31
C THR B 87 19.82 -23.05 11.75
N VAL B 88 19.67 -22.86 10.43
CA VAL B 88 19.99 -21.58 9.80
C VAL B 88 18.93 -20.52 10.03
N ASP B 89 17.90 -20.80 10.83
CA ASP B 89 16.90 -19.80 11.14
C ASP B 89 17.31 -18.90 12.30
N THR B 90 18.53 -19.06 12.83
CA THR B 90 19.02 -18.19 13.89
C THR B 90 19.22 -16.78 13.35
N ALA B 91 18.52 -15.82 13.93
CA ALA B 91 18.59 -14.42 13.48
C ALA B 91 17.95 -13.55 14.56
N ARG B 92 17.90 -12.26 14.29
CA ARG B 92 17.22 -11.28 15.15
C ARG B 92 16.00 -10.79 14.40
N TYR B 93 14.82 -11.13 14.92
CA TYR B 93 13.56 -10.91 14.22
C TYR B 93 12.95 -9.60 14.66
N TYR B 94 12.77 -8.68 13.71
CA TYR B 94 12.16 -7.39 13.96
C TYR B 94 10.73 -7.35 13.42
N CYS B 95 9.94 -6.43 13.95
CA CYS B 95 8.68 -6.04 13.35
C CYS B 95 8.63 -4.52 13.25
N ALA B 96 8.29 -4.02 12.06
CA ALA B 96 8.32 -2.59 11.80
C ALA B 96 7.02 -2.17 11.11
N ARG B 97 6.59 -0.94 11.40
CA ARG B 97 5.37 -0.40 10.82
C ARG B 97 5.59 -0.01 9.36
N ASP B 98 4.59 -0.29 8.54
CA ASP B 98 4.60 0.09 7.13
C ASP B 98 3.86 1.42 7.00
N GLY B 99 4.63 2.51 6.98
CA GLY B 99 4.06 3.85 7.00
C GLY B 99 3.77 4.42 5.62
N ASP B 100 3.86 5.75 5.54
CA ASP B 100 3.57 6.45 4.29
C ASP B 100 4.52 5.99 3.19
N TYR B 101 3.94 5.55 2.06
CA TYR B 101 4.70 5.06 0.91
C TYR B 101 5.53 3.83 1.28
N GLY B 102 5.07 3.05 2.26
CA GLY B 102 5.76 1.85 2.65
C GLY B 102 7.04 2.05 3.44
N ARG B 103 7.25 3.23 4.01
CA ARG B 103 8.45 3.46 4.82
C ARG B 103 8.35 2.71 6.14
N LEU B 104 9.46 2.08 6.53
CA LEU B 104 9.55 1.41 7.83
C LEU B 104 10.03 2.42 8.88
N ASP B 105 9.11 3.31 9.25
CA ASP B 105 9.48 4.48 10.04
C ASP B 105 9.75 4.13 11.50
N TYR B 106 9.10 3.09 12.03
CA TYR B 106 9.25 2.72 13.42
C TYR B 106 9.55 1.23 13.52
N TRP B 107 10.67 0.90 14.16
CA TRP B 107 11.13 -0.46 14.33
C TRP B 107 11.01 -0.87 15.79
N GLY B 108 11.04 -2.18 16.01
CA GLY B 108 11.12 -2.72 17.36
C GLY B 108 12.55 -2.99 17.77
N GLN B 109 12.72 -3.28 19.07
CA GLN B 109 14.04 -3.62 19.56
C GLN B 109 14.55 -4.94 18.99
N GLY B 110 13.64 -5.77 18.48
CA GLY B 110 14.03 -7.07 17.95
C GLY B 110 14.28 -8.08 19.05
N THR B 111 13.99 -9.35 18.76
CA THR B 111 14.24 -10.43 19.70
C THR B 111 15.18 -11.45 19.05
N THR B 112 16.19 -11.87 19.80
CA THR B 112 17.14 -12.85 19.30
C THR B 112 16.51 -14.24 19.31
N LEU B 113 16.67 -14.97 18.20
CA LEU B 113 16.21 -16.35 18.10
C LEU B 113 17.41 -17.24 17.81
N THR B 114 17.60 -18.27 18.63
CA THR B 114 18.65 -19.26 18.44
C THR B 114 18.00 -20.61 18.22
N VAL B 115 18.41 -21.31 17.17
CA VAL B 115 17.86 -22.61 16.81
C VAL B 115 19.02 -23.59 16.89
N SER B 116 19.09 -24.36 17.97
CA SER B 116 20.17 -25.31 18.15
C SER B 116 19.73 -26.40 19.11
N SER B 117 20.17 -27.63 18.84
CA SER B 117 19.92 -28.77 19.73
C SER B 117 21.07 -28.99 20.71
N ALA B 118 21.88 -27.98 20.95
CA ALA B 118 22.98 -28.09 21.90
C ALA B 118 22.47 -27.87 23.32
N LYS B 119 22.92 -28.73 24.23
CA LYS B 119 22.55 -28.60 25.63
C LYS B 119 23.38 -27.50 26.28
N THR B 120 22.81 -26.90 27.33
CA THR B 120 23.52 -25.86 28.06
C THR B 120 24.83 -26.38 28.60
N THR B 121 25.92 -25.64 28.35
CA THR B 121 27.25 -26.06 28.73
C THR B 121 28.05 -24.86 29.23
N PRO B 122 28.64 -24.94 30.42
CA PRO B 122 29.49 -23.86 30.91
C PRO B 122 30.82 -23.85 30.19
N PRO B 123 31.47 -22.70 30.07
CA PRO B 123 32.72 -22.62 29.31
C PRO B 123 33.91 -23.13 30.12
N SER B 124 34.94 -23.53 29.38
CA SER B 124 36.21 -23.96 29.97
C SER B 124 37.20 -22.81 29.81
N VAL B 125 37.30 -21.98 30.84
CA VAL B 125 38.15 -20.81 30.79
C VAL B 125 39.60 -21.23 30.89
N TYR B 126 40.45 -20.66 30.02
CA TYR B 126 41.86 -20.97 29.98
C TYR B 126 42.68 -19.70 30.02
N PRO B 127 43.76 -19.67 30.82
CA PRO B 127 44.62 -18.48 30.84
C PRO B 127 45.58 -18.47 29.67
N LEU B 128 45.72 -17.30 29.05
CA LEU B 128 46.63 -17.09 27.94
C LEU B 128 47.74 -16.16 28.40
N ALA B 129 48.90 -16.73 28.71
CA ALA B 129 50.06 -15.98 29.16
C ALA B 129 51.27 -16.39 28.32
N PRO B 130 52.19 -15.46 28.07
CA PRO B 130 53.42 -15.81 27.35
C PRO B 130 54.31 -16.69 28.20
N GLY B 131 55.35 -17.22 27.56
CA GLY B 131 56.36 -17.96 28.27
C GLY B 131 57.22 -17.04 29.13
N SER B 132 58.24 -17.62 29.75
CA SER B 132 59.20 -16.84 30.52
C SER B 132 60.25 -16.23 29.61
N ALA B 133 59.86 -15.90 28.37
CA ALA B 133 60.78 -15.43 27.36
C ALA B 133 60.83 -13.90 27.38
N ALA B 134 61.36 -13.30 26.31
CA ALA B 134 61.63 -11.88 26.30
C ALA B 134 60.36 -11.06 26.11
N GLN B 135 60.32 -9.90 26.76
CA GLN B 135 59.24 -8.96 26.55
C GLN B 135 59.24 -8.44 25.13
N THR B 136 58.05 -8.13 24.61
CA THR B 136 57.96 -7.49 23.30
C THR B 136 58.34 -6.03 23.37
N ASN B 137 57.88 -5.33 24.40
CA ASN B 137 58.12 -3.90 24.57
C ASN B 137 57.87 -3.57 26.04
N SER B 138 57.58 -2.30 26.32
CA SER B 138 57.17 -1.93 27.68
C SER B 138 55.88 -2.62 28.09
N MET B 139 55.06 -3.03 27.13
CA MET B 139 53.75 -3.63 27.40
C MET B 139 53.77 -5.12 27.06
N VAL B 140 53.11 -5.91 27.90
CA VAL B 140 52.89 -7.32 27.62
C VAL B 140 51.41 -7.54 27.34
N THR B 141 51.12 -8.55 26.54
CA THR B 141 49.75 -8.87 26.14
C THR B 141 49.30 -10.12 26.88
N LEU B 142 48.22 -10.01 27.63
CA LEU B 142 47.62 -11.13 28.33
C LEU B 142 46.22 -11.38 27.80
N GLY B 143 45.77 -12.63 27.88
CA GLY B 143 44.48 -12.99 27.33
C GLY B 143 43.84 -14.15 28.07
N CYS B 144 42.60 -14.43 27.68
CA CYS B 144 41.85 -15.56 28.19
C CYS B 144 41.04 -16.18 27.05
N LEU B 145 40.92 -17.50 27.07
CA LEU B 145 40.21 -18.25 26.04
C LEU B 145 38.97 -18.87 26.65
N VAL B 146 37.80 -18.39 26.20
CA VAL B 146 36.51 -18.87 26.71
C VAL B 146 36.00 -19.86 25.67
N LYS B 147 36.28 -21.15 25.90
CA LYS B 147 36.06 -22.18 24.89
C LYS B 147 34.86 -23.05 25.24
N GLY B 148 34.05 -23.35 24.22
CA GLY B 148 33.01 -24.36 24.30
C GLY B 148 31.92 -24.11 25.33
N TYR B 149 31.01 -23.19 25.01
CA TYR B 149 29.88 -22.90 25.88
C TYR B 149 28.62 -22.71 25.04
N PHE B 150 27.48 -22.93 25.68
CA PHE B 150 26.18 -22.75 25.03
C PHE B 150 25.14 -22.51 26.10
N PRO B 151 24.24 -21.53 25.92
CA PRO B 151 24.25 -20.62 24.78
C PRO B 151 24.89 -19.28 25.11
N GLU B 152 24.79 -18.33 24.19
CA GLU B 152 25.19 -16.96 24.46
C GLU B 152 24.24 -16.35 25.48
N PRO B 153 24.67 -15.29 26.20
CA PRO B 153 25.96 -14.60 26.16
C PRO B 153 26.95 -15.04 27.23
N VAL B 154 28.06 -14.32 27.32
CA VAL B 154 29.11 -14.55 28.32
C VAL B 154 29.73 -13.21 28.67
N THR B 155 29.86 -12.94 29.95
CA THR B 155 30.43 -11.68 30.44
C THR B 155 31.90 -11.88 30.77
N VAL B 156 32.77 -11.19 30.04
CA VAL B 156 34.21 -11.26 30.24
C VAL B 156 34.71 -9.90 30.69
N THR B 157 35.30 -9.84 31.88
CA THR B 157 35.88 -8.62 32.42
C THR B 157 37.24 -8.94 33.03
N TRP B 158 38.04 -7.90 33.24
CA TRP B 158 39.40 -8.03 33.72
C TRP B 158 39.56 -7.27 35.03
N ASN B 159 40.07 -7.95 36.06
CA ASN B 159 40.26 -7.37 37.39
C ASN B 159 38.96 -6.77 37.91
N SER B 160 37.86 -7.49 37.72
CA SER B 160 36.54 -7.08 38.19
C SER B 160 36.15 -5.71 37.64
N GLY B 161 36.52 -5.45 36.39
CA GLY B 161 36.20 -4.19 35.74
C GLY B 161 37.16 -3.06 35.98
N SER B 162 38.11 -3.23 36.90
CA SER B 162 39.10 -2.17 37.15
C SER B 162 39.98 -1.96 35.92
N LEU B 163 40.45 -3.05 35.32
CA LEU B 163 41.30 -2.99 34.14
C LEU B 163 40.40 -3.00 32.90
N SER B 164 40.24 -1.82 32.29
CA SER B 164 39.31 -1.64 31.18
C SER B 164 40.02 -1.31 29.87
N SER B 165 40.95 -0.37 29.88
CA SER B 165 41.64 0.01 28.66
C SER B 165 42.57 -1.11 28.21
N GLY B 166 42.85 -1.15 26.92
CA GLY B 166 43.69 -2.19 26.35
C GLY B 166 43.03 -3.55 26.28
N VAL B 167 41.74 -3.64 26.54
CA VAL B 167 41.01 -4.90 26.49
C VAL B 167 40.32 -5.01 25.13
N HIS B 168 40.46 -6.16 24.48
CA HIS B 168 39.80 -6.45 23.20
C HIS B 168 39.05 -7.77 23.35
N THR B 169 37.74 -7.69 23.52
CA THR B 169 36.89 -8.88 23.62
C THR B 169 36.34 -9.20 22.24
N PHE B 170 36.76 -10.34 21.69
CA PHE B 170 36.36 -10.70 20.34
C PHE B 170 34.99 -11.38 20.37
N PRO B 171 34.16 -11.16 19.36
CA PRO B 171 32.85 -11.82 19.31
C PRO B 171 33.01 -13.33 19.25
N ALA B 172 32.04 -14.02 19.86
CA ALA B 172 32.07 -15.48 19.89
C ALA B 172 31.92 -16.06 18.49
N VAL B 173 32.50 -17.24 18.30
CA VAL B 173 32.42 -17.96 17.03
C VAL B 173 31.98 -19.39 17.33
N LEU B 174 30.94 -19.84 16.63
CA LEU B 174 30.41 -21.19 16.81
C LEU B 174 31.34 -22.17 16.08
N GLN B 175 32.17 -22.87 16.85
CA GLN B 175 33.08 -23.84 16.25
C GLN B 175 32.32 -25.08 15.79
N SER B 176 31.64 -25.75 16.71
CA SER B 176 30.84 -26.93 16.36
C SER B 176 29.78 -27.10 17.45
N ASP B 177 28.64 -26.42 17.25
CA ASP B 177 27.51 -26.41 18.18
C ASP B 177 27.87 -25.81 19.54
N LEU B 178 29.05 -25.19 19.65
CA LEU B 178 29.47 -24.54 20.88
C LEU B 178 30.22 -23.26 20.53
N TYR B 179 30.08 -22.26 21.39
CA TYR B 179 30.70 -20.96 21.17
C TYR B 179 32.07 -20.90 21.81
N THR B 180 33.00 -20.21 21.14
CA THR B 180 34.35 -20.00 21.65
C THR B 180 34.66 -18.52 21.56
N LEU B 181 35.00 -17.91 22.69
CA LEU B 181 35.26 -16.48 22.77
C LEU B 181 36.69 -16.23 23.21
N SER B 182 37.28 -15.16 22.68
CA SER B 182 38.63 -14.75 23.01
C SER B 182 38.63 -13.31 23.50
N SER B 183 39.50 -13.01 24.45
CA SER B 183 39.64 -11.66 24.99
C SER B 183 41.07 -11.45 25.46
N SER B 184 41.66 -10.34 25.05
CA SER B 184 43.04 -10.02 25.38
C SER B 184 43.11 -8.70 26.13
N VAL B 185 44.22 -8.51 26.84
CA VAL B 185 44.50 -7.28 27.56
C VAL B 185 45.98 -6.98 27.46
N THR B 186 46.32 -5.70 27.33
CA THR B 186 47.71 -5.25 27.21
C THR B 186 48.04 -4.37 28.40
N VAL B 187 49.03 -4.78 29.18
CA VAL B 187 49.42 -4.05 30.39
C VAL B 187 50.92 -3.82 30.35
N PRO B 188 51.41 -2.79 31.03
CA PRO B 188 52.86 -2.56 31.09
C PRO B 188 53.58 -3.68 31.81
N SER B 189 54.85 -3.89 31.42
CA SER B 189 55.66 -4.91 32.05
C SER B 189 55.90 -4.62 33.53
N SER B 190 55.80 -3.36 33.94
CA SER B 190 55.90 -3.02 35.36
C SER B 190 54.70 -3.52 36.14
N THR B 191 53.57 -3.77 35.48
CA THR B 191 52.35 -4.21 36.14
C THR B 191 52.30 -5.73 36.28
N TRP B 192 52.58 -6.46 35.21
CA TRP B 192 52.52 -7.91 35.24
C TRP B 192 53.92 -8.51 35.06
N PRO B 193 54.28 -9.53 35.85
CA PRO B 193 53.42 -10.16 36.86
C PRO B 193 53.58 -9.57 38.26
N SER B 194 53.91 -8.28 38.34
CA SER B 194 53.95 -7.59 39.62
C SER B 194 52.58 -7.59 40.26
N GLU B 195 51.63 -6.89 39.64
CA GLU B 195 50.24 -6.96 40.06
C GLU B 195 49.64 -8.29 39.66
N THR B 196 48.38 -8.51 40.04
CA THR B 196 47.64 -9.71 39.70
C THR B 196 46.63 -9.40 38.61
N VAL B 197 46.69 -10.17 37.51
CA VAL B 197 45.76 -10.04 36.40
C VAL B 197 44.86 -11.26 36.41
N THR B 198 43.54 -11.03 36.38
CA THR B 198 42.56 -12.11 36.42
C THR B 198 41.37 -11.72 35.57
N CYS B 199 41.03 -12.56 34.59
CA CYS B 199 39.85 -12.35 33.77
C CYS B 199 38.64 -13.02 34.43
N ASN B 200 37.50 -12.34 34.34
CA ASN B 200 36.27 -12.79 34.99
C ASN B 200 35.27 -13.21 33.91
N VAL B 201 34.99 -14.51 33.84
CA VAL B 201 34.07 -15.07 32.86
C VAL B 201 32.79 -15.45 33.57
N ALA B 202 31.66 -14.91 33.09
CA ALA B 202 30.35 -15.16 33.69
C ALA B 202 29.43 -15.74 32.64
N HIS B 203 29.00 -16.99 32.84
CA HIS B 203 28.05 -17.64 31.95
C HIS B 203 26.69 -17.67 32.63
N PRO B 204 25.78 -16.74 32.32
CA PRO B 204 24.50 -16.71 33.05
C PRO B 204 23.64 -17.96 32.85
N ALA B 205 23.64 -18.53 31.65
CA ALA B 205 22.77 -19.66 31.37
C ALA B 205 23.15 -20.88 32.21
N SER B 206 24.40 -20.98 32.61
CA SER B 206 24.86 -22.05 33.50
C SER B 206 25.08 -21.56 34.92
N SER B 207 24.83 -20.27 35.19
CA SER B 207 25.03 -19.69 36.52
C SER B 207 26.46 -19.92 37.01
N THR B 208 27.42 -19.81 36.09
CA THR B 208 28.81 -20.13 36.36
C THR B 208 29.67 -18.87 36.28
N LYS B 209 30.46 -18.64 37.32
CA LYS B 209 31.47 -17.59 37.33
C LYS B 209 32.85 -18.24 37.47
N VAL B 210 33.82 -17.71 36.74
CA VAL B 210 35.19 -18.21 36.76
C VAL B 210 36.15 -17.04 36.84
N ASP B 211 37.15 -17.16 37.71
CA ASP B 211 38.21 -16.16 37.84
C ASP B 211 39.55 -16.86 37.70
N LYS B 212 40.21 -16.67 36.57
CA LYS B 212 41.49 -17.31 36.27
C LYS B 212 42.61 -16.29 36.47
N LYS B 213 43.46 -16.53 37.45
CA LYS B 213 44.64 -15.69 37.65
C LYS B 213 45.65 -15.99 36.54
N ILE B 214 46.04 -14.95 35.80
CA ILE B 214 47.02 -15.11 34.74
C ILE B 214 48.40 -15.19 35.37
N VAL B 215 48.99 -16.38 35.37
CA VAL B 215 50.31 -16.63 35.94
C VAL B 215 51.27 -16.92 34.80
N PRO B 216 52.51 -16.43 34.83
CA PRO B 216 53.45 -16.74 33.76
C PRO B 216 53.73 -18.23 33.66
N ARG B 217 53.93 -18.70 32.43
CA ARG B 217 54.32 -20.08 32.22
C ARG B 217 55.75 -20.30 32.70
N ASP B 218 56.03 -21.50 33.18
CA ASP B 218 57.26 -21.80 33.91
C ASP B 218 58.15 -22.71 33.07
N CYS B 219 59.34 -22.22 32.73
CA CYS B 219 60.34 -23.03 32.03
C CYS B 219 61.48 -23.40 32.97
N ASN C 1 -17.96 25.54 -8.79
CA ASN C 1 -17.05 24.86 -9.70
C ASN C 1 -16.96 23.37 -9.40
N THR C 2 -16.83 23.02 -8.12
CA THR C 2 -16.77 21.63 -7.69
C THR C 2 -17.52 21.51 -6.38
N CYS C 3 -18.54 20.66 -6.35
CA CYS C 3 -19.39 20.48 -5.16
C CYS C 3 -19.39 19.01 -4.78
N GLN C 4 -18.97 18.72 -3.54
CA GLN C 4 -18.71 17.36 -3.09
C GLN C 4 -20.01 16.60 -2.87
N LEU C 5 -20.35 15.70 -3.78
CA LEU C 5 -21.61 14.98 -3.74
C LEU C 5 -21.51 13.72 -2.88
N TYR C 6 -22.66 13.23 -2.44
CA TYR C 6 -22.77 11.99 -1.69
C TYR C 6 -23.95 11.21 -2.26
N ILE C 7 -23.66 10.14 -3.00
CA ILE C 7 -24.67 9.39 -3.74
C ILE C 7 -24.94 8.08 -3.02
N GLN C 8 -26.22 7.75 -2.86
CA GLN C 8 -26.65 6.49 -2.27
C GLN C 8 -27.49 5.70 -3.28
N THR C 9 -27.55 4.39 -3.08
CA THR C 9 -28.39 3.51 -3.88
C THR C 9 -29.02 2.47 -2.96
N ASP C 10 -30.31 2.21 -3.18
CA ASP C 10 -31.03 1.24 -2.37
C ASP C 10 -30.82 -0.16 -2.96
N HIS C 11 -31.58 -1.13 -2.46
CA HIS C 11 -31.42 -2.51 -2.93
C HIS C 11 -32.14 -2.75 -4.25
N LEU C 12 -33.18 -1.97 -4.55
CA LEU C 12 -33.85 -2.11 -5.85
C LEU C 12 -32.94 -1.69 -6.99
N PHE C 13 -32.13 -0.64 -6.76
CA PHE C 13 -31.19 -0.22 -7.78
C PHE C 13 -30.03 -1.20 -7.92
N PHE C 14 -29.63 -1.83 -6.81
CA PHE C 14 -28.55 -2.81 -6.87
C PHE C 14 -29.02 -4.12 -7.48
N LYS C 15 -30.27 -4.50 -7.23
CA LYS C 15 -30.77 -5.78 -7.73
C LYS C 15 -30.94 -5.77 -9.24
N TYR C 16 -31.25 -4.60 -9.82
CA TYR C 16 -31.45 -4.53 -11.27
C TYR C 16 -30.14 -4.71 -12.02
N TYR C 17 -29.08 -4.04 -11.56
CA TYR C 17 -27.80 -4.10 -12.25
C TYR C 17 -26.93 -5.27 -11.80
N GLY C 18 -27.24 -5.90 -10.68
CA GLY C 18 -26.58 -7.13 -10.30
C GLY C 18 -25.12 -7.44 -10.01
N THR C 19 -24.35 -6.41 -9.68
CA THR C 19 -23.14 -6.35 -8.85
C THR C 19 -22.86 -4.92 -8.40
N ARG C 20 -21.93 -4.81 -7.45
CA ARG C 20 -21.55 -3.49 -6.95
C ARG C 20 -20.78 -2.69 -8.00
N GLU C 21 -20.06 -3.38 -8.89
CA GLU C 21 -19.35 -2.69 -9.96
C GLU C 21 -20.32 -2.06 -10.95
N ALA C 22 -21.44 -2.74 -11.22
CA ALA C 22 -22.40 -2.23 -12.20
C ALA C 22 -23.08 -0.95 -11.72
N VAL C 23 -23.50 -0.93 -10.45
CA VAL C 23 -24.14 0.27 -9.91
C VAL C 23 -23.13 1.39 -9.74
N ILE C 24 -21.89 1.08 -9.38
CA ILE C 24 -20.84 2.11 -9.28
C ILE C 24 -20.58 2.73 -10.65
N ALA C 25 -20.57 1.92 -11.70
CA ALA C 25 -20.40 2.45 -13.05
C ALA C 25 -21.57 3.33 -13.46
N GLN C 26 -22.75 3.08 -12.90
CA GLN C 26 -23.91 3.92 -13.21
C GLN C 26 -23.82 5.26 -12.51
N ILE C 27 -23.45 5.27 -11.23
CA ILE C 27 -23.32 6.52 -10.50
C ILE C 27 -22.07 7.30 -10.90
N SER C 28 -21.05 6.63 -11.44
CA SER C 28 -19.88 7.35 -11.95
C SER C 28 -20.21 8.08 -13.23
N SER C 29 -21.04 7.48 -14.09
CA SER C 29 -21.44 8.12 -15.33
C SER C 29 -22.49 9.22 -15.10
N HIS C 30 -23.24 9.15 -14.00
CA HIS C 30 -24.24 10.19 -13.73
C HIS C 30 -23.57 11.47 -13.27
N VAL C 31 -22.53 11.37 -12.44
CA VAL C 31 -21.82 12.57 -12.00
C VAL C 31 -21.10 13.22 -13.18
N LYS C 32 -20.40 12.42 -13.98
CA LYS C 32 -19.74 12.94 -15.17
C LYS C 32 -20.74 13.47 -16.20
N ALA C 33 -21.99 12.99 -16.16
CA ALA C 33 -23.01 13.52 -17.06
C ALA C 33 -23.35 14.96 -16.69
N ILE C 34 -23.83 15.17 -15.45
CA ILE C 34 -24.13 16.53 -15.00
C ILE C 34 -22.86 17.38 -14.91
N ASP C 35 -21.69 16.75 -14.78
CA ASP C 35 -20.44 17.49 -14.89
C ASP C 35 -20.33 18.15 -16.26
N THR C 36 -20.51 17.36 -17.32
CA THR C 36 -20.38 17.90 -18.67
C THR C 36 -21.53 18.82 -19.03
N ILE C 37 -22.74 18.54 -18.53
CA ILE C 37 -23.90 19.36 -18.87
C ILE C 37 -23.76 20.75 -18.28
N TYR C 38 -23.34 20.84 -17.00
CA TYR C 38 -23.23 22.14 -16.35
C TYR C 38 -21.97 22.90 -16.75
N GLN C 39 -20.89 22.18 -17.11
CA GLN C 39 -19.68 22.86 -17.54
C GLN C 39 -19.88 23.55 -18.89
N THR C 40 -20.57 22.90 -19.82
CA THR C 40 -20.84 23.47 -21.12
C THR C 40 -21.94 24.53 -21.09
N THR C 41 -22.56 24.76 -19.92
CA THR C 41 -23.55 25.80 -19.74
C THR C 41 -22.89 27.03 -19.15
N ASP C 42 -23.15 28.19 -19.74
CA ASP C 42 -22.57 29.44 -19.27
C ASP C 42 -23.42 29.98 -18.12
N PHE C 43 -22.89 29.90 -16.90
CA PHE C 43 -23.53 30.44 -15.73
C PHE C 43 -22.92 31.80 -15.38
N SER C 44 -23.70 32.59 -14.63
CA SER C 44 -23.30 33.97 -14.36
C SER C 44 -22.14 34.06 -13.37
N GLY C 45 -22.07 33.12 -12.42
CA GLY C 45 -21.00 33.12 -11.44
C GLY C 45 -19.63 33.01 -12.07
N ILE C 46 -19.31 31.83 -12.60
CA ILE C 46 -18.08 31.59 -13.33
C ILE C 46 -18.44 30.87 -14.62
N ARG C 47 -17.54 30.97 -15.60
CA ARG C 47 -17.79 30.40 -16.93
C ARG C 47 -18.00 28.89 -16.88
N GLN C 48 -17.48 28.20 -15.86
CA GLN C 48 -17.58 26.76 -15.75
C GLN C 48 -18.10 26.37 -14.37
N ILE C 49 -18.52 25.11 -14.26
CA ILE C 49 -19.01 24.54 -13.00
C ILE C 49 -19.15 23.02 -13.16
N SER C 50 -18.54 22.28 -12.24
CA SER C 50 -18.48 20.83 -12.37
C SER C 50 -18.97 20.21 -11.06
N PHE C 51 -18.70 18.92 -10.88
CA PHE C 51 -19.14 18.18 -9.71
C PHE C 51 -18.06 17.20 -9.30
N MET C 52 -18.12 16.76 -8.05
CA MET C 52 -17.23 15.74 -7.51
C MET C 52 -17.97 14.96 -6.45
N VAL C 53 -17.74 13.65 -6.40
CA VAL C 53 -18.37 12.78 -5.41
C VAL C 53 -17.36 12.53 -4.30
N LYS C 54 -17.83 12.59 -3.05
CA LYS C 54 -16.97 12.41 -1.90
C LYS C 54 -17.13 11.03 -1.26
N ARG C 55 -18.33 10.49 -1.23
CA ARG C 55 -18.57 9.17 -0.66
C ARG C 55 -19.82 8.58 -1.30
N ILE C 56 -19.90 7.25 -1.27
CA ILE C 56 -21.04 6.52 -1.80
C ILE C 56 -21.56 5.57 -0.73
N ARG C 57 -22.76 5.04 -0.96
CA ARG C 57 -23.36 4.04 -0.08
C ARG C 57 -24.23 3.13 -0.93
N ILE C 58 -23.76 1.90 -1.15
CA ILE C 58 -24.45 0.94 -2.00
C ILE C 58 -25.16 -0.05 -1.09
N ASN C 59 -26.47 0.11 -0.94
CA ASN C 59 -27.26 -0.87 -0.21
C ASN C 59 -27.65 -2.01 -1.13
N THR C 60 -27.44 -3.24 -0.68
CA THR C 60 -27.74 -4.43 -1.45
C THR C 60 -29.03 -5.08 -0.93
N THR C 61 -29.44 -6.16 -1.60
CA THR C 61 -30.64 -6.88 -1.18
C THR C 61 -30.51 -7.47 0.22
N ALA C 62 -29.29 -7.61 0.73
CA ALA C 62 -29.10 -8.03 2.11
C ALA C 62 -29.56 -6.97 3.10
N ASP C 63 -29.63 -5.70 2.67
CA ASP C 63 -30.14 -4.63 3.50
C ASP C 63 -31.66 -4.57 3.53
N GLU C 64 -32.34 -5.33 2.66
CA GLU C 64 -33.79 -5.38 2.71
C GLU C 64 -34.28 -6.05 3.99
N LYS C 65 -33.51 -7.00 4.51
CA LYS C 65 -33.82 -7.66 5.78
C LYS C 65 -33.27 -6.90 6.99
N ASP C 66 -32.81 -5.67 6.80
CA ASP C 66 -32.29 -4.86 7.90
C ASP C 66 -33.43 -4.03 8.47
N PRO C 67 -33.85 -4.26 9.71
CA PRO C 67 -35.01 -3.51 10.25
C PRO C 67 -34.75 -2.03 10.42
N THR C 68 -33.49 -1.59 10.47
CA THR C 68 -33.17 -0.18 10.65
C THR C 68 -33.23 0.61 9.36
N ASN C 69 -33.23 -0.05 8.20
CA ASN C 69 -33.28 0.64 6.92
C ASN C 69 -34.73 0.99 6.58
N PRO C 70 -35.07 2.28 6.50
CA PRO C 70 -36.44 2.66 6.12
C PRO C 70 -36.71 2.57 4.63
N PHE C 71 -35.70 2.30 3.81
CA PHE C 71 -35.87 2.15 2.37
C PHE C 71 -36.23 0.72 1.96
N ARG C 72 -36.30 -0.21 2.92
CA ARG C 72 -36.56 -1.60 2.59
C ARG C 72 -38.00 -1.83 2.11
N PHE C 73 -38.92 -0.95 2.47
CA PHE C 73 -40.32 -1.12 2.10
C PHE C 73 -40.49 -0.96 0.59
N PRO C 74 -41.02 -1.97 -0.11
CA PRO C 74 -41.19 -1.81 -1.56
C PRO C 74 -42.11 -0.66 -1.95
N ASN C 75 -43.23 -0.48 -1.25
CA ASN C 75 -44.17 0.59 -1.58
C ASN C 75 -43.84 1.82 -0.73
N ILE C 76 -43.18 2.79 -1.34
CA ILE C 76 -42.83 4.05 -0.69
C ILE C 76 -43.14 5.18 -1.65
N GLY C 77 -43.95 6.15 -1.21
CA GLY C 77 -44.23 7.30 -2.03
C GLY C 77 -43.00 8.15 -2.30
N VAL C 78 -43.04 8.88 -3.41
CA VAL C 78 -41.88 9.67 -3.82
C VAL C 78 -41.61 10.80 -2.82
N GLU C 79 -42.65 11.32 -2.18
CA GLU C 79 -42.45 12.38 -1.20
C GLU C 79 -41.82 11.84 0.08
N LYS C 80 -42.32 10.70 0.56
CA LYS C 80 -41.73 10.08 1.75
C LYS C 80 -40.35 9.50 1.45
N PHE C 81 -40.08 9.15 0.19
CA PHE C 81 -38.77 8.61 -0.17
C PHE C 81 -37.70 9.69 -0.07
N LEU C 82 -38.03 10.93 -0.45
CA LEU C 82 -37.10 12.04 -0.30
C LEU C 82 -37.00 12.49 1.16
N GLU C 83 -38.09 12.39 1.91
CA GLU C 83 -38.06 12.77 3.32
C GLU C 83 -37.14 11.86 4.12
N LEU C 84 -37.05 10.58 3.75
CA LEU C 84 -36.15 9.66 4.44
C LEU C 84 -34.70 10.06 4.23
N ASN C 85 -34.33 10.45 3.01
CA ASN C 85 -32.96 10.85 2.74
C ASN C 85 -32.60 12.15 3.43
N SER C 86 -33.58 13.03 3.64
CA SER C 86 -33.29 14.31 4.27
C SER C 86 -32.94 14.13 5.74
N GLU C 87 -33.56 13.16 6.42
CA GLU C 87 -33.50 13.04 7.88
C GLU C 87 -32.10 12.64 8.36
N GLN C 88 -31.16 12.50 7.45
CA GLN C 88 -29.79 12.14 7.80
C GLN C 88 -28.91 13.38 7.86
N ASN C 89 -27.76 13.22 8.50
CA ASN C 89 -26.78 14.31 8.64
C ASN C 89 -25.86 14.30 7.44
N HIS C 90 -25.98 15.33 6.60
CA HIS C 90 -25.20 15.46 5.37
C HIS C 90 -24.49 16.81 5.33
N ASP C 91 -23.92 17.23 6.48
CA ASP C 91 -23.23 18.51 6.54
C ASP C 91 -21.82 18.46 5.95
N ASP C 92 -21.29 17.27 5.66
CA ASP C 92 -19.99 17.15 5.02
C ASP C 92 -20.07 17.19 3.49
N TYR C 93 -21.26 17.39 2.93
CA TYR C 93 -21.45 17.37 1.49
C TYR C 93 -22.35 18.51 1.07
N CYS C 94 -22.02 19.15 -0.06
CA CYS C 94 -22.88 20.18 -0.62
C CYS C 94 -24.26 19.63 -0.95
N LEU C 95 -24.32 18.44 -1.55
CA LEU C 95 -25.57 17.79 -1.89
C LEU C 95 -25.46 16.30 -1.59
N ALA C 96 -26.61 15.64 -1.54
CA ALA C 96 -26.66 14.21 -1.27
C ALA C 96 -27.85 13.61 -2.01
N TYR C 97 -27.58 12.64 -2.87
CA TYR C 97 -28.61 12.02 -3.69
C TYR C 97 -28.70 10.53 -3.39
N VAL C 98 -29.87 9.97 -3.70
CA VAL C 98 -30.13 8.53 -3.56
C VAL C 98 -30.84 8.04 -4.80
N PHE C 99 -30.28 7.03 -5.45
CA PHE C 99 -30.85 6.45 -6.66
C PHE C 99 -31.57 5.15 -6.33
N THR C 100 -32.72 4.94 -6.95
CA THR C 100 -33.54 3.76 -6.67
C THR C 100 -34.08 3.20 -7.99
N ASP C 101 -34.79 2.07 -7.88
CA ASP C 101 -35.43 1.43 -9.01
C ASP C 101 -36.91 1.21 -8.69
N ARG C 102 -37.61 2.32 -8.42
CA ARG C 102 -39.02 2.29 -8.05
C ARG C 102 -39.87 2.94 -9.14
N ASP C 103 -41.07 2.41 -9.32
CA ASP C 103 -42.01 2.91 -10.31
C ASP C 103 -43.00 3.82 -9.59
N PHE C 104 -42.62 5.10 -9.46
CA PHE C 104 -43.49 6.07 -8.82
C PHE C 104 -44.69 6.37 -9.69
N ASP C 105 -45.81 6.69 -9.04
CA ASP C 105 -47.06 6.92 -9.75
C ASP C 105 -47.00 8.22 -10.55
N ASP C 106 -47.85 8.31 -11.56
CA ASP C 106 -48.02 9.49 -12.40
C ASP C 106 -46.74 9.88 -13.14
N GLY C 107 -45.84 8.92 -13.34
CA GLY C 107 -44.63 9.19 -14.11
C GLY C 107 -43.60 10.03 -13.39
N VAL C 108 -43.53 9.95 -12.08
CA VAL C 108 -42.56 10.72 -11.31
C VAL C 108 -41.23 9.97 -11.31
N LEU C 109 -40.18 10.61 -11.81
CA LEU C 109 -38.85 10.03 -11.87
C LEU C 109 -37.88 10.65 -10.87
N GLY C 110 -37.86 11.97 -10.76
CA GLY C 110 -36.98 12.63 -9.82
C GLY C 110 -37.73 13.59 -8.92
N LEU C 111 -37.16 13.85 -7.76
CA LEU C 111 -37.75 14.77 -6.79
C LEU C 111 -36.62 15.36 -5.97
N ALA C 112 -36.56 16.69 -5.92
CA ALA C 112 -35.51 17.39 -5.18
C ALA C 112 -36.06 18.69 -4.64
N TRP C 113 -35.39 19.22 -3.63
CA TRP C 113 -35.79 20.48 -3.02
C TRP C 113 -35.33 21.65 -3.89
N VAL C 114 -36.16 22.69 -3.94
CA VAL C 114 -35.85 23.87 -4.73
C VAL C 114 -34.86 24.73 -3.97
N GLY C 115 -33.82 25.18 -4.67
CA GLY C 115 -32.78 25.99 -4.04
C GLY C 115 -33.12 27.46 -3.98
N ALA C 116 -33.21 28.00 -2.77
CA ALA C 116 -33.50 29.43 -2.79
C ALA C 116 -32.20 30.22 -2.72
N PRO C 117 -32.09 31.31 -3.48
CA PRO C 117 -30.90 32.16 -3.36
C PRO C 117 -30.78 32.82 -2.00
N SER C 118 -31.90 33.02 -1.30
CA SER C 118 -31.93 33.60 0.04
C SER C 118 -33.38 33.54 0.52
N GLY C 119 -33.58 33.84 1.80
CA GLY C 119 -34.91 33.96 2.36
C GLY C 119 -35.68 32.67 2.51
N SER C 120 -35.05 31.52 2.27
CA SER C 120 -35.72 30.24 2.42
C SER C 120 -34.66 29.16 2.61
N SER C 121 -35.06 27.90 2.45
CA SER C 121 -34.15 26.78 2.58
C SER C 121 -34.50 25.72 1.55
N GLY C 122 -33.55 24.84 1.28
CA GLY C 122 -33.72 23.76 0.33
C GLY C 122 -32.76 23.88 -0.84
N GLY C 123 -32.68 22.79 -1.60
CA GLY C 123 -31.85 22.75 -2.78
C GLY C 123 -30.36 22.79 -2.44
N ILE C 124 -29.61 23.46 -3.31
CA ILE C 124 -28.17 23.54 -3.10
C ILE C 124 -27.87 24.43 -1.90
N CYS C 125 -26.80 24.08 -1.17
CA CYS C 125 -26.18 24.97 -0.20
C CYS C 125 -26.99 25.09 1.10
N GLU C 126 -27.54 23.99 1.58
CA GLU C 126 -28.33 24.03 2.80
C GLU C 126 -27.83 23.00 3.79
N LYS C 127 -27.50 23.47 4.99
CA LYS C 127 -27.10 22.65 6.12
C LYS C 127 -28.34 22.15 6.86
N SER C 128 -28.11 21.13 7.70
CA SER C 128 -29.19 20.58 8.50
C SER C 128 -29.67 21.62 9.51
N LYS C 129 -30.96 21.95 9.45
CA LYS C 129 -31.56 22.91 10.35
C LYS C 129 -32.66 22.25 11.16
N LEU C 130 -32.95 22.83 12.33
CA LEU C 130 -33.97 22.28 13.23
C LEU C 130 -35.42 22.30 12.73
N TYR C 131 -35.83 23.43 12.16
CA TYR C 131 -37.19 23.59 11.64
C TYR C 131 -38.32 23.29 12.63
N SER C 132 -39.30 22.51 12.18
CA SER C 132 -40.46 22.14 12.98
C SER C 132 -40.71 20.64 12.96
N ASP C 133 -41.44 20.15 13.96
CA ASP C 133 -41.72 18.72 14.07
C ASP C 133 -40.49 17.93 14.54
N GLY C 134 -39.39 18.63 14.84
CA GLY C 134 -38.31 18.13 15.67
C GLY C 134 -37.29 17.25 15.01
N LYS C 135 -37.43 16.96 13.71
CA LYS C 135 -36.46 16.13 13.01
C LYS C 135 -35.50 17.01 12.21
N LYS C 136 -34.20 16.79 12.42
CA LYS C 136 -33.16 17.57 11.75
C LYS C 136 -32.92 16.98 10.37
N LYS C 137 -33.53 17.59 9.36
CA LYS C 137 -33.41 17.14 7.99
C LYS C 137 -32.43 18.02 7.22
N SER C 138 -31.76 17.42 6.24
CA SER C 138 -30.84 18.13 5.35
C SER C 138 -31.55 18.30 4.01
N LEU C 139 -31.96 19.54 3.71
CA LEU C 139 -32.73 19.83 2.51
C LEU C 139 -31.86 19.94 1.26
N ASN C 140 -30.59 19.55 1.33
CA ASN C 140 -29.72 19.52 0.17
C ASN C 140 -29.72 18.14 -0.49
N THR C 141 -30.91 17.63 -0.78
CA THR C 141 -31.09 16.25 -1.20
C THR C 141 -31.91 16.17 -2.48
N GLY C 142 -31.95 14.97 -3.05
CA GLY C 142 -32.73 14.69 -4.23
C GLY C 142 -32.72 13.21 -4.51
N ILE C 143 -33.72 12.77 -5.25
CA ILE C 143 -33.89 11.35 -5.54
C ILE C 143 -34.05 11.17 -7.05
N ILE C 144 -33.81 9.93 -7.50
CA ILE C 144 -34.00 9.55 -8.89
C ILE C 144 -34.41 8.09 -8.93
N THR C 145 -35.16 7.71 -9.97
CA THR C 145 -35.50 6.32 -10.22
C THR C 145 -35.34 6.04 -11.70
N VAL C 146 -35.04 4.78 -12.03
CA VAL C 146 -34.74 4.38 -13.39
C VAL C 146 -35.84 3.53 -14.01
N GLN C 147 -37.02 3.48 -13.38
CA GLN C 147 -38.15 2.74 -13.91
C GLN C 147 -39.39 3.62 -13.92
N ASN C 148 -40.14 3.55 -15.00
CA ASN C 148 -41.36 4.35 -15.16
C ASN C 148 -42.41 3.53 -15.91
N TYR C 149 -43.59 3.39 -15.31
CA TYR C 149 -44.69 2.64 -15.89
C TYR C 149 -44.28 1.20 -16.22
N GLY C 150 -43.54 0.58 -15.30
CA GLY C 150 -43.11 -0.80 -15.50
C GLY C 150 -42.05 -0.98 -16.56
N SER C 151 -41.31 0.06 -16.91
CA SER C 151 -40.27 -0.03 -17.93
C SER C 151 -39.03 0.73 -17.45
N HIS C 152 -37.87 0.10 -17.61
CA HIS C 152 -36.63 0.75 -17.24
C HIS C 152 -36.26 1.82 -18.26
N VAL C 153 -35.85 2.99 -17.78
CA VAL C 153 -35.54 4.11 -18.65
C VAL C 153 -34.10 3.98 -19.14
N PRO C 154 -33.79 4.43 -20.35
CA PRO C 154 -32.41 4.33 -20.86
C PRO C 154 -31.48 5.26 -20.11
N PRO C 155 -30.16 5.04 -20.18
CA PRO C 155 -29.25 5.90 -19.42
C PRO C 155 -29.23 7.35 -19.88
N LYS C 156 -29.50 7.61 -21.17
CA LYS C 156 -29.51 9.00 -21.64
C LYS C 156 -30.60 9.81 -20.94
N VAL C 157 -31.80 9.24 -20.85
CA VAL C 157 -32.86 9.91 -20.09
C VAL C 157 -32.56 9.84 -18.60
N SER C 158 -31.89 8.78 -18.14
CA SER C 158 -31.56 8.66 -16.73
C SER C 158 -30.51 9.69 -16.31
N HIS C 159 -29.55 9.97 -17.20
CA HIS C 159 -28.54 10.98 -16.90
C HIS C 159 -29.14 12.38 -16.93
N ILE C 160 -30.08 12.63 -17.82
CA ILE C 160 -30.70 13.94 -17.91
C ILE C 160 -31.60 14.20 -16.70
N THR C 161 -32.36 13.18 -16.28
CA THR C 161 -33.25 13.33 -15.14
C THR C 161 -32.47 13.73 -13.88
N PHE C 162 -31.21 13.29 -13.77
CA PHE C 162 -30.35 13.79 -12.70
C PHE C 162 -30.14 15.29 -12.84
N ALA C 163 -29.79 15.75 -14.05
CA ALA C 163 -29.55 17.17 -14.27
C ALA C 163 -30.82 18.02 -14.10
N HIS C 164 -32.00 17.42 -14.23
CA HIS C 164 -33.23 18.19 -14.07
C HIS C 164 -33.46 18.56 -12.61
N GLU C 165 -33.45 17.57 -11.72
CA GLU C 165 -33.69 17.83 -10.31
C GLU C 165 -32.55 18.62 -9.68
N VAL C 166 -31.32 18.43 -10.18
CA VAL C 166 -30.20 19.24 -9.71
C VAL C 166 -30.40 20.70 -10.12
N GLY C 167 -31.12 20.94 -11.22
CA GLY C 167 -31.47 22.30 -11.58
C GLY C 167 -32.30 22.99 -10.50
N HIS C 168 -33.24 22.26 -9.91
CA HIS C 168 -34.01 22.81 -8.80
C HIS C 168 -33.12 23.04 -7.58
N ASN C 169 -32.14 22.17 -7.37
CA ASN C 169 -31.16 22.40 -6.31
C ASN C 169 -30.40 23.70 -6.56
N PHE C 170 -29.93 23.91 -7.79
CA PHE C 170 -29.23 25.13 -8.16
C PHE C 170 -30.15 26.35 -8.19
N GLY C 171 -31.44 26.18 -7.91
CA GLY C 171 -32.37 27.29 -7.88
C GLY C 171 -33.14 27.56 -9.14
N SER C 172 -33.35 26.55 -9.99
CA SER C 172 -34.09 26.73 -11.24
C SER C 172 -35.46 26.10 -11.12
N PRO C 173 -36.55 26.88 -11.20
CA PRO C 173 -37.88 26.27 -11.31
C PRO C 173 -38.09 25.65 -12.68
N HIS C 174 -39.31 25.17 -12.95
CA HIS C 174 -39.60 24.60 -14.25
C HIS C 174 -39.72 25.69 -15.31
N ASP C 175 -39.42 25.32 -16.55
CA ASP C 175 -39.52 26.26 -17.65
C ASP C 175 -40.98 26.65 -17.90
N SER C 176 -41.18 27.92 -18.24
CA SER C 176 -42.52 28.45 -18.48
C SER C 176 -42.47 29.46 -19.62
N GLY C 177 -43.55 29.50 -20.40
CA GLY C 177 -43.66 30.42 -21.51
C GLY C 177 -43.14 29.86 -22.82
N THR C 178 -43.44 30.59 -23.89
CA THR C 178 -43.01 30.15 -25.22
C THR C 178 -41.52 30.37 -25.43
N GLU C 179 -40.95 31.41 -24.82
CA GLU C 179 -39.54 31.73 -25.02
C GLU C 179 -38.60 30.68 -24.42
N CYS C 180 -39.08 29.85 -23.50
CA CYS C 180 -38.26 28.83 -22.88
C CYS C 180 -38.86 27.44 -22.98
N THR C 181 -39.95 27.26 -23.72
CA THR C 181 -40.52 25.95 -24.02
C THR C 181 -40.89 25.92 -25.50
N PRO C 182 -39.91 25.73 -26.38
CA PRO C 182 -40.20 25.75 -27.83
C PRO C 182 -40.99 24.56 -28.33
N GLY C 183 -41.19 23.53 -27.50
CA GLY C 183 -41.94 22.37 -27.95
C GLY C 183 -43.40 22.66 -28.23
N GLU C 184 -43.99 23.60 -27.48
CA GLU C 184 -45.37 23.99 -27.67
C GLU C 184 -45.53 25.22 -28.55
N SER C 185 -44.47 25.61 -29.27
CA SER C 185 -44.53 26.77 -30.14
C SER C 185 -45.21 26.44 -31.46
N LYS C 186 -45.84 27.46 -32.06
CA LYS C 186 -46.56 27.26 -33.31
C LYS C 186 -45.62 27.47 -34.48
N ASN C 187 -44.35 27.13 -34.30
CA ASN C 187 -43.33 27.30 -35.34
C ASN C 187 -42.57 25.99 -35.47
N LEU C 188 -42.49 25.49 -36.71
CA LEU C 188 -41.81 24.22 -36.96
C LEU C 188 -40.31 24.29 -36.66
N GLY C 189 -39.71 25.48 -36.83
CA GLY C 189 -38.28 25.59 -36.59
C GLY C 189 -37.92 25.51 -35.12
N GLN C 190 -38.78 26.05 -34.25
CA GLN C 190 -38.55 25.98 -32.81
C GLN C 190 -39.07 24.68 -32.21
N LYS C 191 -40.13 24.09 -32.79
CA LYS C 191 -40.68 22.85 -32.23
C LYS C 191 -39.75 21.68 -32.48
N GLU C 192 -39.04 21.66 -33.60
CA GLU C 192 -38.11 20.57 -33.87
C GLU C 192 -36.97 20.56 -32.86
N ASN C 193 -36.56 21.74 -32.38
CA ASN C 193 -35.49 21.81 -31.39
C ASN C 193 -35.94 21.25 -30.05
N GLY C 194 -37.19 21.51 -29.67
CA GLY C 194 -37.76 20.94 -28.46
C GLY C 194 -37.61 21.84 -27.26
N ASN C 195 -38.09 21.32 -26.13
CA ASN C 195 -38.05 22.04 -24.86
C ASN C 195 -36.65 21.90 -24.25
N TYR C 196 -36.50 22.38 -23.01
CA TYR C 196 -35.21 22.39 -22.34
C TYR C 196 -35.15 21.34 -21.24
N ILE C 197 -34.10 21.42 -20.41
CA ILE C 197 -33.97 20.52 -19.26
C ILE C 197 -35.16 20.71 -18.32
N MET C 198 -35.38 21.95 -17.88
CA MET C 198 -36.36 22.22 -16.84
C MET C 198 -37.78 22.22 -17.39
N TYR C 199 -38.01 21.46 -18.46
CA TYR C 199 -39.37 21.26 -18.95
C TYR C 199 -40.14 20.41 -17.95
N ALA C 200 -41.37 20.83 -17.65
CA ALA C 200 -42.13 20.23 -16.55
C ALA C 200 -42.64 18.84 -16.85
N ARG C 201 -42.55 18.36 -18.09
CA ARG C 201 -43.16 17.09 -18.44
C ARG C 201 -42.16 16.10 -19.04
N ALA C 202 -42.66 15.15 -19.82
CA ALA C 202 -41.82 14.07 -20.33
C ALA C 202 -40.92 14.55 -21.45
N THR C 203 -39.69 14.02 -21.46
CA THR C 203 -38.70 14.32 -22.49
C THR C 203 -37.89 13.07 -22.78
N SER C 204 -37.56 12.85 -24.05
CA SER C 204 -36.76 11.69 -24.45
C SER C 204 -36.31 11.74 -25.89
N GLY C 205 -35.02 12.02 -26.12
CA GLY C 205 -34.36 11.70 -27.37
C GLY C 205 -34.19 12.85 -28.35
N ASP C 206 -34.76 14.03 -28.08
CA ASP C 206 -34.59 15.14 -29.03
C ASP C 206 -33.13 15.59 -29.09
N LYS C 207 -32.48 15.70 -27.92
CA LYS C 207 -31.04 15.78 -27.70
C LYS C 207 -30.39 17.11 -28.11
N LEU C 208 -31.15 18.09 -28.60
CA LEU C 208 -30.57 19.38 -28.97
C LEU C 208 -30.94 20.46 -27.96
N ASN C 209 -32.21 20.84 -27.87
CA ASN C 209 -32.58 21.89 -26.92
C ASN C 209 -32.85 21.33 -25.53
N ASN C 210 -32.94 20.01 -25.37
CA ASN C 210 -33.31 19.40 -24.10
C ASN C 210 -32.12 19.07 -23.20
N ASN C 211 -30.92 18.95 -23.76
CA ASN C 211 -29.78 18.49 -22.98
C ASN C 211 -29.21 19.58 -22.08
N LYS C 212 -29.35 20.84 -22.46
CA LYS C 212 -28.79 21.95 -21.71
C LYS C 212 -29.90 22.86 -21.19
N PHE C 213 -29.52 23.76 -20.28
CA PHE C 213 -30.48 24.64 -19.63
C PHE C 213 -30.97 25.71 -20.60
N SER C 214 -31.91 26.52 -20.13
CA SER C 214 -32.58 27.54 -20.91
C SER C 214 -32.10 28.93 -20.53
N LEU C 215 -32.56 29.92 -21.29
CA LEU C 215 -32.34 31.31 -20.91
C LEU C 215 -33.08 31.64 -19.62
N CYS C 216 -34.22 31.00 -19.38
CA CYS C 216 -34.93 31.19 -18.12
C CYS C 216 -34.18 30.57 -16.96
N SER C 217 -33.66 29.34 -17.15
CA SER C 217 -32.97 28.65 -16.06
C SER C 217 -31.69 29.37 -15.67
N ILE C 218 -30.98 29.95 -16.64
CA ILE C 218 -29.73 30.65 -16.34
C ILE C 218 -29.99 31.86 -15.45
N ARG C 219 -31.08 32.59 -15.70
CA ARG C 219 -31.39 33.75 -14.87
C ARG C 219 -31.70 33.34 -13.44
N GLN C 220 -32.48 32.28 -13.25
CA GLN C 220 -32.87 31.88 -11.90
C GLN C 220 -31.70 31.26 -11.14
N ILE C 221 -30.84 30.51 -11.84
CA ILE C 221 -29.67 29.94 -11.17
C ILE C 221 -28.62 31.01 -10.90
N SER C 222 -28.62 32.09 -11.70
CA SER C 222 -27.62 33.14 -11.54
C SER C 222 -27.67 33.76 -10.15
N GLN C 223 -28.87 33.94 -9.60
CA GLN C 223 -28.99 34.59 -8.30
C GLN C 223 -28.51 33.68 -7.18
N VAL C 224 -28.80 32.38 -7.28
CA VAL C 224 -28.36 31.43 -6.26
C VAL C 224 -26.84 31.36 -6.22
N LEU C 225 -26.21 31.35 -7.40
CA LEU C 225 -24.76 31.29 -7.45
C LEU C 225 -24.13 32.57 -6.88
N GLU C 226 -24.50 33.72 -7.44
CA GLU C 226 -23.87 34.99 -7.05
C GLU C 226 -23.97 35.27 -5.55
N LYS C 227 -24.84 34.57 -4.82
CA LYS C 227 -25.02 34.83 -3.40
C LYS C 227 -24.80 33.62 -2.50
N LYS C 228 -24.84 32.39 -3.03
CA LYS C 228 -24.67 31.21 -2.21
C LYS C 228 -23.43 30.38 -2.53
N ARG C 229 -23.00 30.32 -3.80
CA ARG C 229 -21.83 29.51 -4.13
C ARG C 229 -20.55 30.07 -3.51
N ASN C 230 -20.52 31.37 -3.21
CA ASN C 230 -19.35 31.93 -2.52
C ASN C 230 -19.15 31.28 -1.16
N ASN C 231 -20.23 31.03 -0.44
CA ASN C 231 -20.11 30.36 0.85
C ASN C 231 -20.41 28.85 0.81
N CYS C 232 -20.81 28.32 -0.34
CA CYS C 232 -21.12 26.88 -0.45
C CYS C 232 -20.15 25.97 -1.22
N PHE C 233 -19.77 26.37 -2.42
CA PHE C 233 -18.89 25.57 -3.30
C PHE C 233 -17.43 25.50 -2.85
N VAL C 234 -16.72 24.45 -3.28
CA VAL C 234 -15.33 24.32 -2.89
C VAL C 234 -14.45 24.27 -4.13
N GLU C 235 -13.17 23.98 -3.91
CA GLU C 235 -12.12 24.17 -4.91
C GLU C 235 -12.05 22.99 -5.87
N SER C 236 -11.33 23.21 -6.97
CA SER C 236 -10.97 22.15 -7.90
C SER C 236 -9.57 21.68 -7.59
N GLY C 237 -9.36 20.37 -7.65
CA GLY C 237 -8.07 19.81 -7.36
C GLY C 237 -7.97 18.37 -7.78
N GLN C 238 -6.96 17.69 -7.25
CA GLN C 238 -6.79 16.28 -7.54
C GLN C 238 -7.95 15.48 -6.95
N PRO C 239 -8.33 14.38 -7.59
CA PRO C 239 -9.46 13.59 -7.09
C PRO C 239 -9.14 12.92 -5.76
N ILE C 240 -10.16 12.82 -4.91
CA ILE C 240 -9.98 12.30 -3.56
C ILE C 240 -9.93 10.78 -3.60
N CYS C 241 -9.31 10.18 -2.60
CA CYS C 241 -9.21 8.73 -2.50
C CYS C 241 -10.28 8.23 -1.54
N GLY C 242 -11.12 7.31 -2.01
CA GLY C 242 -12.15 6.72 -1.18
C GLY C 242 -13.57 6.86 -1.70
N ASN C 243 -13.79 7.47 -2.84
CA ASN C 243 -15.15 7.66 -3.34
C ASN C 243 -15.66 6.47 -4.13
N GLY C 244 -14.89 5.38 -4.21
CA GLY C 244 -15.33 4.17 -4.88
C GLY C 244 -15.16 4.14 -6.38
N MET C 245 -14.65 5.21 -6.99
CA MET C 245 -14.43 5.28 -8.41
C MET C 245 -12.93 5.44 -8.67
N VAL C 246 -12.47 4.91 -9.79
CA VAL C 246 -11.04 4.88 -10.10
C VAL C 246 -10.69 6.12 -10.90
N GLU C 247 -10.17 7.14 -10.22
CA GLU C 247 -9.78 8.37 -10.93
C GLU C 247 -8.30 8.32 -11.31
N GLN C 248 -7.82 9.42 -11.88
CA GLN C 248 -6.42 9.52 -12.27
C GLN C 248 -5.58 9.87 -11.04
N GLY C 249 -4.40 9.25 -10.96
CA GLY C 249 -3.53 9.37 -9.81
C GLY C 249 -3.68 8.23 -8.81
N GLU C 250 -4.66 7.35 -9.01
CA GLU C 250 -4.87 6.21 -8.13
C GLU C 250 -5.19 4.99 -8.98
N GLU C 251 -4.68 3.84 -8.55
CA GLU C 251 -4.85 2.60 -9.30
C GLU C 251 -6.13 1.85 -8.95
N CYS C 252 -6.68 2.08 -7.77
CA CYS C 252 -7.92 1.43 -7.36
C CYS C 252 -8.62 2.33 -6.35
N ASP C 253 -9.87 2.00 -6.02
CA ASP C 253 -10.65 2.81 -5.09
C ASP C 253 -11.86 1.97 -4.65
N CYS C 254 -11.72 1.32 -3.49
CA CYS C 254 -12.80 0.54 -2.91
C CYS C 254 -13.63 1.31 -1.89
N GLY C 255 -13.12 2.41 -1.37
CA GLY C 255 -13.81 3.15 -0.34
C GLY C 255 -12.99 3.32 0.92
N TYR C 256 -13.66 3.51 2.05
CA TYR C 256 -12.99 3.71 3.32
C TYR C 256 -12.80 2.36 4.02
N SER C 257 -12.44 2.39 5.30
CA SER C 257 -12.19 1.17 6.04
C SER C 257 -13.46 0.34 6.19
N ASP C 258 -14.56 0.99 6.57
CA ASP C 258 -15.83 0.30 6.77
C ASP C 258 -16.62 0.09 5.48
N GLN C 259 -15.98 0.26 4.33
CA GLN C 259 -16.66 0.04 3.05
C GLN C 259 -15.86 -0.92 2.18
N CYS C 260 -14.54 -0.96 2.35
CA CYS C 260 -13.67 -1.70 1.45
C CYS C 260 -13.73 -3.19 1.78
N LYS C 261 -14.36 -3.96 0.89
CA LYS C 261 -14.31 -5.41 0.93
C LYS C 261 -13.46 -5.96 -0.20
N ASP C 262 -12.43 -5.21 -0.58
CA ASP C 262 -11.57 -5.53 -1.72
C ASP C 262 -10.21 -5.98 -1.21
N GLU C 263 -9.87 -7.24 -1.45
CA GLU C 263 -8.57 -7.78 -1.06
C GLU C 263 -7.45 -7.37 -2.02
N CYS C 264 -7.74 -6.51 -2.99
CA CYS C 264 -6.77 -6.07 -3.97
C CYS C 264 -6.42 -4.59 -3.83
N CYS C 265 -6.98 -3.89 -2.85
CA CYS C 265 -6.84 -2.44 -2.78
C CYS C 265 -6.72 -2.01 -1.33
N PHE C 266 -5.74 -1.14 -1.06
CA PHE C 266 -5.70 -0.46 0.23
C PHE C 266 -6.84 0.55 0.31
N ASP C 267 -7.55 0.56 1.43
CA ASP C 267 -8.68 1.46 1.59
C ASP C 267 -8.19 2.90 1.69
N ALA C 268 -9.14 3.83 1.78
CA ALA C 268 -8.81 5.25 1.90
C ALA C 268 -8.22 5.62 3.24
N ASN C 269 -8.35 4.74 4.24
CA ASN C 269 -7.79 4.99 5.57
C ASN C 269 -6.35 4.54 5.69
N GLN C 270 -5.72 4.15 4.59
CA GLN C 270 -4.32 3.74 4.58
C GLN C 270 -3.42 4.95 4.38
N PRO C 271 -2.16 4.87 4.79
CA PRO C 271 -1.28 6.04 4.70
C PRO C 271 -1.03 6.46 3.25
N GLU C 272 -0.63 7.72 3.09
CA GLU C 272 -0.32 8.26 1.78
C GLU C 272 0.73 7.41 1.09
N GLY C 273 0.56 7.21 -0.22
CA GLY C 273 1.42 6.38 -1.02
C GLY C 273 0.88 4.97 -1.25
N ARG C 274 0.09 4.46 -0.30
CA ARG C 274 -0.55 3.16 -0.47
C ARG C 274 -2.07 3.25 -0.56
N LYS C 275 -2.67 4.32 -0.05
CA LYS C 275 -4.11 4.50 -0.17
C LYS C 275 -4.50 4.58 -1.64
N CYS C 276 -5.55 3.84 -2.01
CA CYS C 276 -6.05 3.79 -3.38
C CYS C 276 -4.99 3.29 -4.35
N LYS C 277 -4.03 2.51 -3.86
CA LYS C 277 -2.99 1.92 -4.68
C LYS C 277 -3.12 0.39 -4.64
N LEU C 278 -2.69 -0.23 -5.73
CA LEU C 278 -2.76 -1.68 -5.83
C LEU C 278 -1.82 -2.33 -4.81
N LYS C 279 -2.33 -3.35 -4.13
CA LYS C 279 -1.50 -4.08 -3.18
C LYS C 279 -0.41 -4.85 -3.94
N PRO C 280 0.76 -5.03 -3.31
CA PRO C 280 1.84 -5.76 -3.99
C PRO C 280 1.43 -7.17 -4.35
N GLY C 281 1.97 -7.66 -5.46
CA GLY C 281 1.61 -8.97 -5.98
C GLY C 281 0.27 -9.04 -6.67
N LYS C 282 -0.56 -8.02 -6.54
CA LYS C 282 -1.87 -7.97 -7.18
C LYS C 282 -1.79 -7.16 -8.46
N GLN C 283 -2.53 -7.59 -9.49
CA GLN C 283 -2.45 -6.98 -10.80
C GLN C 283 -3.72 -6.26 -11.22
N CYS C 284 -4.74 -6.20 -10.35
CA CYS C 284 -5.99 -5.54 -10.68
C CYS C 284 -6.79 -5.32 -9.40
N SER C 285 -8.00 -4.82 -9.57
CA SER C 285 -8.97 -4.66 -8.50
C SER C 285 -10.34 -4.53 -9.13
N PRO C 286 -11.39 -5.14 -8.58
CA PRO C 286 -12.72 -4.99 -9.17
C PRO C 286 -13.18 -3.56 -9.29
N SER C 287 -12.60 -2.64 -8.52
CA SER C 287 -12.94 -1.23 -8.65
C SER C 287 -12.46 -0.62 -9.95
N GLN C 288 -11.45 -1.22 -10.58
CA GLN C 288 -10.98 -0.72 -11.87
C GLN C 288 -11.99 -0.99 -12.96
N GLY C 289 -12.45 -2.23 -13.07
CA GLY C 289 -13.43 -2.61 -14.06
C GLY C 289 -14.02 -3.97 -13.75
N PRO C 290 -15.01 -4.38 -14.54
CA PRO C 290 -15.67 -5.67 -14.30
C PRO C 290 -14.88 -6.88 -14.76
N CYS C 291 -13.79 -6.69 -15.51
CA CYS C 291 -13.05 -7.82 -16.09
C CYS C 291 -11.91 -8.29 -15.20
N CYS C 292 -12.17 -8.47 -13.90
CA CYS C 292 -11.14 -9.04 -13.02
C CYS C 292 -11.76 -9.39 -11.68
N THR C 293 -11.32 -10.52 -11.13
CA THR C 293 -12.00 -11.17 -10.01
C THR C 293 -11.53 -10.62 -8.67
N ALA C 294 -12.05 -11.21 -7.59
CA ALA C 294 -11.64 -10.83 -6.24
C ALA C 294 -10.25 -11.37 -5.90
N GLN C 295 -9.75 -12.34 -6.66
CA GLN C 295 -8.42 -12.88 -6.45
C GLN C 295 -7.34 -12.04 -7.14
N CYS C 296 -7.68 -10.83 -7.60
CA CYS C 296 -6.74 -9.87 -8.15
C CYS C 296 -5.99 -10.45 -9.36
N ALA C 297 -6.75 -10.63 -10.43
CA ALA C 297 -6.19 -11.18 -11.66
C ALA C 297 -7.04 -10.74 -12.84
N PHE C 298 -6.38 -10.32 -13.92
CA PHE C 298 -7.08 -10.01 -15.16
C PHE C 298 -7.90 -11.21 -15.61
N LYS C 299 -9.19 -10.99 -15.85
CA LYS C 299 -10.13 -12.09 -16.02
C LYS C 299 -9.81 -12.91 -17.26
N SER C 300 -10.25 -14.17 -17.23
CA SER C 300 -10.00 -15.09 -18.32
C SER C 300 -10.92 -14.79 -19.50
N LYS C 301 -10.60 -15.39 -20.65
CA LYS C 301 -11.34 -15.14 -21.87
C LYS C 301 -12.73 -15.78 -21.82
N SER C 302 -13.56 -15.36 -22.76
CA SER C 302 -14.91 -15.92 -22.95
C SER C 302 -15.74 -15.81 -21.67
N GLU C 303 -15.75 -14.61 -21.09
CA GLU C 303 -16.60 -14.31 -19.95
C GLU C 303 -17.35 -13.02 -20.22
N LYS C 304 -18.61 -12.97 -19.81
CA LYS C 304 -19.49 -11.85 -20.14
C LYS C 304 -19.04 -10.58 -19.42
N CYS C 305 -18.42 -9.67 -20.16
CA CYS C 305 -18.31 -8.31 -19.61
C CYS C 305 -19.55 -7.51 -19.93
N ARG C 306 -19.93 -7.49 -21.20
CA ARG C 306 -21.16 -6.87 -21.66
C ARG C 306 -22.01 -7.94 -22.32
N ASP C 307 -23.28 -7.97 -21.99
CA ASP C 307 -24.20 -8.92 -22.60
C ASP C 307 -24.73 -8.37 -23.92
N ASP C 308 -25.20 -9.29 -24.76
CA ASP C 308 -25.73 -8.89 -26.06
C ASP C 308 -26.97 -8.02 -25.87
N SER C 309 -26.92 -6.82 -26.44
CA SER C 309 -28.01 -5.86 -26.32
C SER C 309 -28.81 -5.84 -27.62
N ASP C 310 -29.78 -4.93 -27.68
CA ASP C 310 -30.54 -4.75 -28.91
C ASP C 310 -29.64 -4.24 -30.03
N CYS C 311 -28.89 -3.17 -29.77
CA CYS C 311 -28.02 -2.56 -30.77
C CYS C 311 -26.54 -2.74 -30.46
N ALA C 312 -26.19 -3.62 -29.53
CA ALA C 312 -24.79 -3.78 -29.10
C ALA C 312 -24.50 -5.25 -28.88
N ARG C 313 -23.60 -5.81 -29.68
CA ARG C 313 -23.12 -7.16 -29.46
C ARG C 313 -22.32 -7.23 -28.17
N GLU C 314 -22.15 -8.45 -27.66
CA GLU C 314 -21.59 -8.63 -26.32
C GLU C 314 -20.11 -8.29 -26.28
N GLY C 315 -19.71 -7.60 -25.22
CA GLY C 315 -18.31 -7.39 -24.92
C GLY C 315 -17.84 -8.46 -23.95
N ILE C 316 -16.70 -9.08 -24.26
CA ILE C 316 -16.27 -10.30 -23.60
C ILE C 316 -14.88 -10.11 -23.02
N CYS C 317 -14.74 -10.36 -21.72
CA CYS C 317 -13.48 -10.13 -21.01
C CYS C 317 -12.35 -10.99 -21.59
N ASN C 318 -11.12 -10.48 -21.39
CA ASN C 318 -9.92 -11.30 -21.39
C ASN C 318 -8.81 -10.49 -20.71
N GLY C 319 -7.63 -11.06 -20.66
CA GLY C 319 -6.59 -10.54 -19.77
C GLY C 319 -5.73 -9.41 -20.28
N PHE C 320 -6.28 -8.50 -21.09
CA PHE C 320 -5.48 -7.38 -21.54
C PHE C 320 -5.64 -6.15 -20.66
N THR C 321 -6.77 -6.03 -19.96
CA THR C 321 -6.96 -4.96 -18.98
C THR C 321 -8.13 -5.35 -18.09
N ALA C 322 -8.45 -4.47 -17.14
CA ALA C 322 -9.53 -4.73 -16.18
C ALA C 322 -10.91 -4.33 -16.70
N LEU C 323 -10.99 -3.73 -17.88
CA LEU C 323 -12.24 -3.15 -18.39
C LEU C 323 -12.92 -4.08 -19.38
N CYS C 324 -14.19 -3.79 -19.65
CA CYS C 324 -14.85 -4.42 -20.78
C CYS C 324 -14.09 -4.11 -22.06
N PRO C 325 -14.07 -5.01 -23.03
CA PRO C 325 -13.80 -4.59 -24.39
C PRO C 325 -14.99 -3.80 -24.92
N ALA C 326 -14.73 -2.70 -25.61
CA ALA C 326 -15.83 -1.89 -26.08
C ALA C 326 -16.73 -2.74 -26.94
N SER C 327 -18.02 -2.65 -26.67
CA SER C 327 -19.04 -3.39 -27.38
C SER C 327 -19.19 -2.92 -28.81
N ASP C 328 -19.41 -3.86 -29.72
CA ASP C 328 -19.58 -3.54 -31.12
C ASP C 328 -20.92 -4.03 -31.64
N PRO C 329 -21.50 -3.27 -32.57
CA PRO C 329 -22.82 -3.49 -33.16
C PRO C 329 -22.96 -4.70 -34.07
N LYS C 330 -24.20 -5.17 -34.13
CA LYS C 330 -24.63 -6.27 -34.97
C LYS C 330 -25.18 -5.65 -36.23
N PRO C 331 -25.84 -6.46 -37.07
CA PRO C 331 -26.40 -5.93 -38.32
C PRO C 331 -27.18 -4.65 -38.10
N GLN C 332 -26.98 -3.67 -38.97
CA GLN C 332 -27.64 -2.39 -38.82
C GLN C 332 -29.13 -2.40 -39.10
N PHE C 333 -29.80 -1.39 -38.55
CA PHE C 333 -31.23 -1.17 -38.70
C PHE C 333 -32.12 -2.27 -38.15
N THR C 334 -31.65 -2.98 -37.14
CA THR C 334 -32.52 -3.98 -36.54
C THR C 334 -33.49 -3.28 -35.61
N ASP C 335 -34.59 -3.94 -35.33
CA ASP C 335 -35.61 -3.39 -34.45
C ASP C 335 -35.16 -3.48 -32.99
N CYS C 336 -35.35 -2.39 -32.25
CA CYS C 336 -35.01 -2.33 -30.84
C CYS C 336 -36.17 -1.69 -30.08
N ASN C 337 -36.17 -1.89 -28.76
CA ASN C 337 -37.22 -1.38 -27.88
C ASN C 337 -38.60 -1.88 -28.32
N ARG C 338 -38.67 -3.17 -28.64
CA ARG C 338 -39.92 -3.82 -29.08
C ARG C 338 -40.51 -3.12 -30.30
N HIS C 339 -39.74 -3.13 -31.39
CA HIS C 339 -40.15 -2.62 -32.70
C HIS C 339 -40.51 -1.14 -32.67
N THR C 340 -40.03 -0.39 -31.68
CA THR C 340 -40.31 1.03 -31.60
C THR C 340 -39.20 1.91 -32.18
N GLN C 341 -37.95 1.49 -32.08
CA GLN C 341 -36.81 2.23 -32.60
C GLN C 341 -35.92 1.28 -33.39
N VAL C 342 -34.87 1.82 -34.00
CA VAL C 342 -34.00 1.08 -34.90
C VAL C 342 -32.60 0.96 -34.31
N CYS C 343 -31.82 0.04 -34.87
CA CYS C 343 -30.45 -0.23 -34.45
C CYS C 343 -29.50 0.20 -35.54
N ILE C 344 -28.91 1.38 -35.41
CA ILE C 344 -27.91 1.88 -36.35
C ILE C 344 -26.68 2.30 -35.55
N ASN C 345 -25.64 1.47 -35.59
CA ASN C 345 -24.34 1.78 -35.01
C ASN C 345 -24.40 1.98 -33.49
N GLY C 346 -25.14 1.10 -32.81
CA GLY C 346 -25.03 0.98 -31.38
C GLY C 346 -25.92 1.90 -30.54
N GLN C 347 -27.03 2.39 -31.09
CA GLN C 347 -27.93 3.24 -30.32
C GLN C 347 -29.38 2.92 -30.69
N CYS C 348 -30.23 2.88 -29.67
CA CYS C 348 -31.66 2.68 -29.88
C CYS C 348 -32.39 4.00 -29.67
N ALA C 349 -32.10 4.98 -30.52
CA ALA C 349 -32.72 6.30 -30.45
C ALA C 349 -33.61 6.51 -31.67
N GLY C 350 -34.26 7.68 -31.71
CA GLY C 350 -35.16 7.98 -32.81
C GLY C 350 -36.45 7.20 -32.70
N SER C 351 -36.95 6.74 -33.84
CA SER C 351 -38.17 5.95 -33.89
C SER C 351 -38.07 4.94 -35.02
N ILE C 352 -39.08 4.07 -35.09
CA ILE C 352 -39.11 3.05 -36.13
C ILE C 352 -39.39 3.65 -37.49
N CYS C 353 -39.95 4.88 -37.53
CA CYS C 353 -40.25 5.51 -38.81
C CYS C 353 -39.00 5.73 -39.65
N GLU C 354 -37.86 6.01 -39.01
CA GLU C 354 -36.63 6.27 -39.73
C GLU C 354 -36.09 5.05 -40.46
N LYS C 355 -36.66 3.86 -40.24
CA LYS C 355 -36.20 2.67 -40.93
C LYS C 355 -36.55 2.73 -42.42
N TYR C 356 -37.68 3.33 -42.77
CA TYR C 356 -38.11 3.44 -44.16
C TYR C 356 -38.07 4.87 -44.66
N GLY C 357 -37.27 5.73 -44.05
CA GLY C 357 -37.20 7.12 -44.45
C GLY C 357 -38.38 7.96 -44.03
N LEU C 358 -38.85 7.78 -42.79
CA LEU C 358 -39.97 8.55 -42.25
C LEU C 358 -39.54 9.15 -40.91
N GLU C 359 -40.44 9.92 -40.31
CA GLU C 359 -40.19 10.57 -39.04
C GLU C 359 -41.37 10.34 -38.10
N GLU C 360 -41.07 10.29 -36.80
CA GLU C 360 -42.13 10.12 -35.82
C GLU C 360 -43.01 11.36 -35.76
N CYS C 361 -44.28 11.15 -35.44
CA CYS C 361 -45.24 12.22 -35.35
C CYS C 361 -46.28 11.88 -34.29
N THR C 362 -47.00 12.92 -33.86
CA THR C 362 -48.07 12.75 -32.89
C THR C 362 -49.37 12.45 -33.64
N CYS C 363 -49.97 11.29 -33.37
CA CYS C 363 -51.21 10.91 -34.01
C CYS C 363 -52.29 11.97 -33.78
N ALA C 364 -53.28 11.98 -34.67
CA ALA C 364 -54.38 12.94 -34.58
C ALA C 364 -55.65 12.38 -35.22
N LYS C 372 -57.41 7.06 -27.97
CA LYS C 372 -56.85 5.71 -27.84
C LYS C 372 -55.72 5.52 -28.85
N GLU C 373 -55.59 6.44 -29.78
CA GLU C 373 -54.58 6.35 -30.84
C GLU C 373 -53.33 7.17 -30.52
N LEU C 374 -53.26 7.81 -29.36
CA LEU C 374 -52.07 8.61 -29.04
C LEU C 374 -50.87 7.74 -28.71
N CYS C 375 -51.10 6.54 -28.17
CA CYS C 375 -50.02 5.60 -27.90
C CYS C 375 -49.68 4.74 -29.11
N HIS C 376 -50.24 5.04 -30.27
CA HIS C 376 -49.84 4.43 -31.52
C HIS C 376 -48.71 5.25 -32.15
N VAL C 377 -47.87 4.57 -32.92
CA VAL C 377 -46.76 5.24 -33.60
C VAL C 377 -47.29 5.83 -34.91
N CYS C 378 -47.24 7.15 -35.02
CA CYS C 378 -47.69 7.85 -36.22
C CYS C 378 -46.46 8.36 -36.97
N CYS C 379 -46.20 7.76 -38.13
CA CYS C 379 -45.10 8.16 -38.98
C CYS C 379 -45.55 9.28 -39.91
N MET C 380 -44.65 9.74 -40.78
CA MET C 380 -44.96 10.85 -41.68
C MET C 380 -43.98 10.83 -42.84
N LYS C 381 -44.43 11.35 -43.98
CA LYS C 381 -43.52 11.71 -45.04
C LYS C 381 -42.62 12.85 -44.57
N LYS C 382 -41.38 12.84 -45.03
CA LYS C 382 -40.38 13.77 -44.51
C LYS C 382 -40.79 15.22 -44.72
N MET C 383 -40.67 16.01 -43.65
CA MET C 383 -40.82 17.47 -43.63
C MET C 383 -42.28 17.92 -43.76
N ASP C 384 -43.24 17.02 -43.88
CA ASP C 384 -44.65 17.39 -44.02
C ASP C 384 -45.45 16.75 -42.89
N PRO C 385 -45.87 17.51 -41.87
CA PRO C 385 -46.69 16.93 -40.81
C PRO C 385 -48.13 16.66 -41.21
N SER C 386 -48.58 17.15 -42.37
CA SER C 386 -49.91 16.85 -42.86
C SER C 386 -50.02 15.42 -43.38
N THR C 387 -48.88 14.79 -43.70
CA THR C 387 -48.84 13.40 -44.13
C THR C 387 -48.66 12.44 -42.96
N CYS C 388 -48.96 12.88 -41.74
CA CYS C 388 -48.73 12.09 -40.53
C CYS C 388 -49.83 11.03 -40.41
N ALA C 389 -49.46 9.78 -40.66
CA ALA C 389 -50.40 8.66 -40.59
C ALA C 389 -49.85 7.58 -39.67
N SER C 390 -50.75 6.75 -39.17
CA SER C 390 -50.37 5.68 -38.25
C SER C 390 -49.59 4.59 -38.98
N THR C 391 -48.93 3.75 -38.19
CA THR C 391 -48.24 2.59 -38.75
C THR C 391 -49.21 1.55 -39.30
N GLY C 392 -50.47 1.59 -38.87
CA GLY C 392 -51.49 0.71 -39.39
C GLY C 392 -52.38 1.39 -40.40
N SER C 393 -51.88 2.46 -41.02
CA SER C 393 -52.65 3.19 -42.01
C SER C 393 -52.44 2.60 -43.40
N VAL C 394 -53.28 3.03 -44.34
CA VAL C 394 -53.15 2.54 -45.72
C VAL C 394 -52.00 3.22 -46.45
N GLN C 395 -51.49 4.34 -45.94
CA GLN C 395 -50.35 4.99 -46.58
C GLN C 395 -49.11 4.12 -46.49
N TRP C 396 -48.77 3.67 -45.27
CA TRP C 396 -47.60 2.83 -45.06
C TRP C 396 -47.94 1.34 -45.10
N SER C 397 -49.01 0.97 -45.82
CA SER C 397 -49.37 -0.44 -45.94
C SER C 397 -48.37 -1.24 -46.76
N ARG C 398 -47.57 -0.57 -47.59
CA ARG C 398 -46.58 -1.28 -48.38
C ARG C 398 -45.45 -1.83 -47.53
N HIS C 399 -45.08 -1.11 -46.46
CA HIS C 399 -43.95 -1.51 -45.63
C HIS C 399 -44.39 -2.38 -44.45
N PHE C 400 -45.17 -1.81 -43.53
CA PHE C 400 -45.59 -2.53 -42.34
C PHE C 400 -46.56 -3.67 -42.62
N SER C 401 -47.14 -3.73 -43.83
CA SER C 401 -48.13 -4.74 -44.22
C SER C 401 -49.38 -4.69 -43.34
N GLY C 402 -49.42 -3.74 -42.40
CA GLY C 402 -50.63 -3.41 -41.66
C GLY C 402 -50.45 -3.41 -40.16
N ARG C 403 -49.49 -4.18 -39.65
CA ARG C 403 -49.33 -4.34 -38.22
C ARG C 403 -49.11 -2.99 -37.55
N THR C 404 -49.94 -2.69 -36.56
CA THR C 404 -49.93 -1.39 -35.89
C THR C 404 -48.96 -1.46 -34.71
N ILE C 405 -47.82 -0.82 -34.85
CA ILE C 405 -46.81 -0.79 -33.79
C ILE C 405 -47.26 0.20 -32.72
N THR C 406 -47.38 -0.28 -31.49
CA THR C 406 -47.81 0.53 -30.37
C THR C 406 -46.62 0.97 -29.53
N LEU C 407 -46.74 2.16 -28.94
CA LEU C 407 -45.67 2.68 -28.10
C LEU C 407 -45.58 1.88 -26.81
N GLN C 408 -44.35 1.66 -26.35
CA GLN C 408 -44.13 0.91 -25.13
C GLN C 408 -44.54 1.75 -23.92
N PRO C 409 -44.92 1.11 -22.81
CA PRO C 409 -45.26 1.87 -21.60
C PRO C 409 -44.11 2.75 -21.15
N GLY C 410 -44.45 3.95 -20.69
CA GLY C 410 -43.44 4.91 -20.31
C GLY C 410 -42.86 5.70 -21.46
N SER C 411 -43.54 5.74 -22.60
CA SER C 411 -43.06 6.51 -23.74
C SER C 411 -43.78 7.86 -23.82
N PRO C 412 -43.08 8.91 -24.21
CA PRO C 412 -43.74 10.21 -24.39
C PRO C 412 -44.82 10.15 -25.45
N CYS C 413 -45.81 11.02 -25.31
CA CYS C 413 -46.99 10.99 -26.18
C CYS C 413 -47.65 12.35 -26.16
N ASN C 414 -48.38 12.66 -27.23
CA ASN C 414 -49.18 13.87 -27.35
C ASN C 414 -48.31 15.11 -27.14
N ASP C 415 -47.21 15.20 -27.90
CA ASP C 415 -46.29 16.33 -27.83
C ASP C 415 -45.71 16.50 -26.42
N PHE C 416 -45.24 15.40 -25.85
CA PHE C 416 -44.52 15.41 -24.57
C PHE C 416 -45.36 15.98 -23.43
N ARG C 417 -46.66 15.72 -23.48
CA ARG C 417 -47.56 16.13 -22.39
C ARG C 417 -47.76 15.04 -21.36
N GLY C 418 -47.31 13.82 -21.62
CA GLY C 418 -47.45 12.74 -20.67
C GLY C 418 -46.84 11.47 -21.19
N TYR C 419 -47.03 10.39 -20.45
CA TYR C 419 -46.55 9.07 -20.81
C TYR C 419 -47.71 8.15 -21.16
N CYS C 420 -47.40 7.08 -21.89
CA CYS C 420 -48.36 6.03 -22.18
C CYS C 420 -48.17 4.89 -21.20
N ASP C 421 -49.27 4.45 -20.58
CA ASP C 421 -49.23 3.41 -19.57
C ASP C 421 -49.36 2.04 -20.22
N VAL C 422 -49.46 0.99 -19.39
CA VAL C 422 -49.59 -0.37 -19.91
C VAL C 422 -50.93 -0.62 -20.57
N PHE C 423 -51.88 0.30 -20.45
CA PHE C 423 -53.18 0.17 -21.08
C PHE C 423 -53.32 1.06 -22.32
N MET C 424 -52.20 1.56 -22.85
CA MET C 424 -52.18 2.38 -24.06
C MET C 424 -53.03 3.64 -23.87
N ARG C 425 -52.76 4.36 -22.78
CA ARG C 425 -53.42 5.63 -22.48
C ARG C 425 -52.35 6.68 -22.22
N CYS C 426 -52.42 7.79 -22.94
CA CYS C 426 -51.48 8.90 -22.76
C CYS C 426 -51.92 9.70 -21.55
N ARG C 427 -51.39 9.35 -20.39
CA ARG C 427 -51.74 10.01 -19.13
C ARG C 427 -50.84 11.23 -18.95
N LEU C 428 -51.45 12.40 -18.86
CA LEU C 428 -50.72 13.66 -18.75
C LEU C 428 -50.14 13.85 -17.36
#